data_2NXW
#
_entry.id   2NXW
#
_cell.length_a   99.411
_cell.length_b   179.032
_cell.length_c   120.925
_cell.angle_alpha   90.00
_cell.angle_beta   90.00
_cell.angle_gamma   90.00
#
_symmetry.space_group_name_H-M   'C 2 2 21'
#
loop_
_entity.id
_entity.type
_entity.pdbx_description
1 polymer 'PHENYL-3-PYRUVATE DECARBOXYLASE'
2 non-polymer 'MAGNESIUM ION'
3 non-polymer 'CHLORIDE ION'
4 non-polymer 'THIAMINE DIPHOSPHATE'
5 non-polymer GLYCEROL
6 water water
#
_entity_poly.entity_id   1
_entity_poly.type   'polypeptide(L)'
_entity_poly.pdbx_seq_one_letter_code
;MGSSHHHHHHSSGLVPRGSHMKLAEALLRALKDRGAQAMFGIPGDFALPFFKVAEETQILPLHTLSHEPAVGFAADAAAR
YSSTLGVAAVTYGAGAFNMVNAVAGAYAEKSPVVVISGAPGTTEGNAGLLLHHQGRTLDTQFQVFKEITVAQARLDDPAK
APAEIARVLGAARAQSRPVYLEIPRNMVNAEVEPVGDDPAWPVDRDALAACADEVLAAMRSATSPVLMVCVEVRRYGLEA
KVAELAQRLGVPVVTTFMGRGLLADAPTPPLGTYIGVAGDAEITRLVEESDGLFLLGAILSDTNFAVSQRKIDLRKTIHA
FDRAVTLGYHTYADIPLAGLVDALLERLPPSDRTTRGKEPHAYPTGLQADGEPIAPMDIARAVNDRVRAGQEPLLIAADM
GDCLFTAMDMIDAGLMAPGYYAGMGFGVPAGIGAQCVSGGKRILTVVGDGAFQMTGWELGNCRRLGIDPIVILFNNASWE
MLRTFQPESAFNDLDDWRFADMAAGMGGDGVRVRTRAELKAALDKAFATRGRFQLIEAMIPRGVLSDTLARFVQGQKRLH
AAPRE
;
_entity_poly.pdbx_strand_id   A,B
#
loop_
_chem_comp.id
_chem_comp.type
_chem_comp.name
_chem_comp.formula
CL non-polymer 'CHLORIDE ION' 'Cl -1'
GOL non-polymer GLYCEROL 'C3 H8 O3'
MG non-polymer 'MAGNESIUM ION' 'Mg 2'
TPP non-polymer 'THIAMINE DIPHOSPHATE' 'C12 H19 N4 O7 P2 S 1'
#
# COMPACT_ATOMS: atom_id res chain seq x y z
N LEU A 14 -24.30 -9.72 30.76
CA LEU A 14 -23.22 -9.83 31.78
C LEU A 14 -21.86 -10.00 31.10
N VAL A 15 -20.84 -9.39 31.69
CA VAL A 15 -19.48 -9.51 31.17
C VAL A 15 -19.05 -10.96 31.38
N PRO A 16 -18.52 -11.62 30.33
CA PRO A 16 -18.10 -13.02 30.48
C PRO A 16 -17.00 -13.25 31.51
N ARG A 17 -17.09 -14.38 32.19
CA ARG A 17 -16.09 -14.76 33.19
C ARG A 17 -16.10 -16.27 33.33
N GLY A 18 -14.91 -16.89 33.39
CA GLY A 18 -14.84 -18.32 33.60
C GLY A 18 -14.59 -19.30 32.47
N SER A 19 -14.63 -18.83 31.22
CA SER A 19 -14.41 -19.73 30.09
C SER A 19 -12.96 -20.15 29.96
N HIS A 20 -12.07 -19.36 30.56
CA HIS A 20 -10.63 -19.63 30.50
C HIS A 20 -10.17 -19.59 29.04
N MET A 21 -10.87 -18.80 28.23
CA MET A 21 -10.52 -18.65 26.83
C MET A 21 -10.48 -17.18 26.46
N LYS A 22 -9.31 -16.70 26.06
CA LYS A 22 -9.13 -15.31 25.66
C LYS A 22 -9.84 -15.08 24.32
N LEU A 23 -10.33 -13.86 24.12
CA LEU A 23 -11.01 -13.51 22.88
C LEU A 23 -10.11 -13.86 21.67
N ALA A 24 -8.84 -13.47 21.74
CA ALA A 24 -7.93 -13.74 20.62
C ALA A 24 -7.81 -15.25 20.36
N GLU A 25 -7.77 -16.06 21.42
CA GLU A 25 -7.65 -17.51 21.28
C GLU A 25 -8.92 -18.07 20.64
N ALA A 26 -10.07 -17.57 21.06
CA ALA A 26 -11.35 -18.01 20.52
C ALA A 26 -11.42 -17.72 19.03
N LEU A 27 -10.90 -16.56 18.63
CA LEU A 27 -10.89 -16.18 17.23
C LEU A 27 -9.96 -17.09 16.42
N LEU A 28 -8.74 -17.29 16.91
CA LEU A 28 -7.80 -18.15 16.21
C LEU A 28 -8.37 -19.56 16.07
N ARG A 29 -9.03 -20.05 17.13
CA ARG A 29 -9.62 -21.39 17.07
C ARG A 29 -10.78 -21.44 16.08
N ALA A 30 -11.59 -20.38 16.02
CA ALA A 30 -12.72 -20.33 15.09
C ALA A 30 -12.20 -20.36 13.64
N LEU A 31 -11.07 -19.71 13.41
CA LEU A 31 -10.49 -19.68 12.07
C LEU A 31 -9.97 -21.08 11.71
N LYS A 32 -9.28 -21.71 12.66
CA LYS A 32 -8.76 -23.05 12.43
C LYS A 32 -9.91 -24.03 12.19
N ASP A 33 -11.01 -23.86 12.92
CA ASP A 33 -12.19 -24.73 12.77
C ASP A 33 -12.74 -24.64 11.35
N ARG A 34 -12.54 -23.49 10.72
CA ARG A 34 -13.03 -23.25 9.37
C ARG A 34 -11.99 -23.51 8.27
N GLY A 35 -10.88 -24.12 8.65
CA GLY A 35 -9.87 -24.47 7.67
C GLY A 35 -8.63 -23.61 7.51
N ALA A 36 -8.55 -22.48 8.21
CA ALA A 36 -7.39 -21.62 8.09
C ALA A 36 -6.15 -22.41 8.44
N GLN A 37 -5.07 -22.19 7.69
CA GLN A 37 -3.83 -22.93 7.91
C GLN A 37 -2.65 -22.11 8.41
N ALA A 38 -2.80 -20.80 8.43
CA ALA A 38 -1.72 -19.94 8.90
C ALA A 38 -2.24 -18.54 9.08
N MET A 39 -1.45 -17.71 9.73
CA MET A 39 -1.80 -16.32 9.88
C MET A 39 -0.56 -15.54 9.50
N PHE A 40 -0.73 -14.67 8.50
CA PHE A 40 0.35 -13.82 8.04
C PHE A 40 0.15 -12.46 8.69
N GLY A 41 1.24 -11.77 9.00
CA GLY A 41 1.07 -10.45 9.59
C GLY A 41 2.30 -9.66 9.91
N ILE A 42 2.09 -8.38 10.22
CA ILE A 42 3.15 -7.48 10.65
C ILE A 42 2.56 -6.79 11.87
N PRO A 43 3.25 -6.86 13.01
CA PRO A 43 2.78 -6.25 14.25
C PRO A 43 3.02 -4.75 14.36
N GLY A 44 2.44 -4.20 15.43
CA GLY A 44 2.59 -2.79 15.76
C GLY A 44 2.09 -2.65 17.17
N ASP A 45 2.31 -1.49 17.79
CA ASP A 45 1.88 -1.26 19.17
C ASP A 45 0.50 -1.80 19.53
N PHE A 46 -0.51 -1.36 18.79
CA PHE A 46 -1.88 -1.77 19.08
C PHE A 46 -2.16 -3.25 18.86
N ALA A 47 -1.34 -3.90 18.06
CA ALA A 47 -1.51 -5.32 17.77
C ALA A 47 -0.58 -6.24 18.55
N LEU A 48 0.32 -5.69 19.36
CA LEU A 48 1.27 -6.54 20.09
C LEU A 48 0.62 -7.62 20.96
N PRO A 49 -0.39 -7.25 21.77
CA PRO A 49 -1.03 -8.27 22.60
C PRO A 49 -1.62 -9.43 21.78
N PHE A 50 -2.21 -9.12 20.63
CA PHE A 50 -2.79 -10.15 19.78
C PHE A 50 -1.70 -11.06 19.20
N PHE A 51 -0.60 -10.48 18.74
CA PHE A 51 0.47 -11.29 18.18
C PHE A 51 1.10 -12.17 19.25
N LYS A 52 1.10 -11.70 20.50
CA LYS A 52 1.65 -12.46 21.62
C LYS A 52 0.83 -13.72 21.80
N VAL A 53 -0.50 -13.60 21.77
CA VAL A 53 -1.35 -14.77 21.91
C VAL A 53 -1.11 -15.72 20.74
N ALA A 54 -1.03 -15.18 19.54
CA ALA A 54 -0.81 -16.04 18.38
C ALA A 54 0.50 -16.81 18.48
N GLU A 55 1.57 -16.13 18.88
CA GLU A 55 2.88 -16.77 18.98
C GLU A 55 2.96 -17.78 20.11
N GLU A 56 2.39 -17.42 21.26
CA GLU A 56 2.45 -18.31 22.40
C GLU A 56 1.55 -19.54 22.30
N THR A 57 0.36 -19.37 21.73
CA THR A 57 -0.57 -20.49 21.60
C THR A 57 -0.31 -21.35 20.37
N GLN A 58 0.25 -20.76 19.32
CA GLN A 58 0.52 -21.47 18.08
C GLN A 58 -0.72 -22.20 17.54
N ILE A 59 -1.90 -21.60 17.73
CA ILE A 59 -3.13 -22.21 17.22
C ILE A 59 -3.03 -22.26 15.69
N LEU A 60 -2.47 -21.20 15.12
CA LEU A 60 -2.25 -21.10 13.67
C LEU A 60 -0.79 -20.71 13.54
N PRO A 61 -0.08 -21.31 12.57
CA PRO A 61 1.33 -20.97 12.36
C PRO A 61 1.38 -19.47 12.07
N LEU A 62 2.28 -18.75 12.73
CA LEU A 62 2.40 -17.31 12.55
C LEU A 62 3.58 -16.97 11.64
N HIS A 63 3.28 -16.35 10.50
CA HIS A 63 4.31 -15.97 9.53
C HIS A 63 4.36 -14.48 9.33
N THR A 64 5.51 -13.88 9.59
CA THR A 64 5.61 -12.45 9.37
C THR A 64 6.27 -12.20 8.02
N LEU A 65 5.97 -11.03 7.46
CA LEU A 65 6.55 -10.63 6.19
C LEU A 65 7.14 -9.25 6.37
N SER A 66 7.71 -8.68 5.31
CA SER A 66 8.34 -7.38 5.40
C SER A 66 7.43 -6.16 5.31
N HIS A 67 6.49 -6.23 4.37
CA HIS A 67 5.61 -5.08 4.06
C HIS A 67 4.16 -5.57 4.00
N GLU A 68 3.22 -4.74 4.45
CA GLU A 68 1.81 -5.17 4.48
C GLU A 68 1.20 -5.65 3.16
N PRO A 69 1.61 -5.07 2.00
CA PRO A 69 1.00 -5.59 0.77
C PRO A 69 1.21 -7.10 0.69
N ALA A 70 2.42 -7.56 1.03
CA ALA A 70 2.73 -8.97 1.01
C ALA A 70 1.91 -9.79 2.03
N VAL A 71 1.58 -9.19 3.16
CA VAL A 71 0.77 -9.89 4.16
C VAL A 71 -0.59 -10.22 3.52
N GLY A 72 -1.17 -9.22 2.87
CA GLY A 72 -2.46 -9.39 2.22
C GLY A 72 -2.41 -10.37 1.05
N PHE A 73 -1.41 -10.21 0.20
CA PHE A 73 -1.27 -11.10 -0.95
C PHE A 73 -1.02 -12.56 -0.54
N ALA A 74 -0.19 -12.74 0.50
CA ALA A 74 0.13 -14.08 0.98
C ALA A 74 -1.12 -14.73 1.57
N ALA A 75 -1.89 -13.97 2.35
CA ALA A 75 -3.12 -14.51 2.94
C ALA A 75 -4.11 -14.88 1.84
N ASP A 76 -4.20 -14.03 0.81
CA ASP A 76 -5.08 -14.27 -0.32
C ASP A 76 -4.63 -15.58 -1.00
N ALA A 77 -3.33 -15.69 -1.28
CA ALA A 77 -2.80 -16.88 -1.92
C ALA A 77 -3.07 -18.15 -1.11
N ALA A 78 -2.92 -18.07 0.21
CA ALA A 78 -3.16 -19.23 1.07
C ALA A 78 -4.63 -19.65 0.97
N ALA A 79 -5.52 -18.66 0.92
CA ALA A 79 -6.95 -18.94 0.81
C ALA A 79 -7.22 -19.64 -0.51
N ARG A 80 -6.64 -19.11 -1.59
CA ARG A 80 -6.86 -19.69 -2.90
C ARG A 80 -6.27 -21.08 -3.02
N TYR A 81 -5.09 -21.28 -2.41
CA TYR A 81 -4.41 -22.56 -2.51
C TYR A 81 -5.23 -23.72 -1.96
N SER A 82 -5.85 -23.51 -0.81
CA SER A 82 -6.63 -24.56 -0.15
C SER A 82 -8.14 -24.33 -0.14
N SER A 83 -8.61 -23.35 -0.90
CA SER A 83 -10.04 -23.00 -0.97
C SER A 83 -10.61 -22.87 0.44
N THR A 84 -9.92 -22.09 1.26
CA THR A 84 -10.33 -21.89 2.63
C THR A 84 -10.18 -20.42 3.01
N LEU A 85 -10.24 -20.11 4.30
CA LEU A 85 -10.08 -18.74 4.76
C LEU A 85 -8.61 -18.37 4.85
N GLY A 86 -8.28 -17.15 4.43
CA GLY A 86 -6.92 -16.65 4.54
C GLY A 86 -6.94 -15.72 5.76
N VAL A 87 -5.80 -15.53 6.41
CA VAL A 87 -5.74 -14.67 7.59
C VAL A 87 -4.59 -13.70 7.53
N ALA A 88 -4.93 -12.41 7.60
CA ALA A 88 -3.96 -11.33 7.51
C ALA A 88 -4.11 -10.41 8.71
N ALA A 89 -3.07 -10.34 9.53
CA ALA A 89 -3.08 -9.53 10.74
C ALA A 89 -2.19 -8.30 10.64
N VAL A 90 -2.78 -7.15 10.96
CA VAL A 90 -2.08 -5.88 10.89
C VAL A 90 -2.32 -5.01 12.12
N THR A 91 -1.62 -3.89 12.18
CA THR A 91 -1.79 -2.98 13.29
C THR A 91 -2.60 -1.78 12.81
N TYR A 92 -3.17 -1.06 13.76
CA TYR A 92 -4.02 0.10 13.48
C TYR A 92 -3.29 1.21 12.76
N GLY A 93 -4.00 1.86 11.85
CA GLY A 93 -3.41 2.98 11.14
C GLY A 93 -2.66 2.60 9.89
N ALA A 94 -1.44 3.11 9.77
CA ALA A 94 -0.60 2.85 8.60
C ALA A 94 -0.53 1.39 8.18
N GLY A 95 -0.35 0.50 9.15
CA GLY A 95 -0.28 -0.92 8.83
C GLY A 95 -1.50 -1.40 8.06
N ALA A 96 -2.68 -1.10 8.58
CA ALA A 96 -3.91 -1.52 7.93
C ALA A 96 -4.15 -0.81 6.59
N PHE A 97 -3.91 0.50 6.55
CA PHE A 97 -4.13 1.24 5.31
C PHE A 97 -3.21 0.75 4.21
N ASN A 98 -2.05 0.23 4.60
CA ASN A 98 -1.07 -0.28 3.66
C ASN A 98 -1.47 -1.62 3.04
N MET A 99 -2.58 -2.22 3.51
CA MET A 99 -3.04 -3.50 2.97
C MET A 99 -4.36 -3.36 2.20
N VAL A 100 -4.84 -2.13 2.04
CA VAL A 100 -6.09 -1.87 1.35
C VAL A 100 -6.10 -2.43 -0.08
N ASN A 101 -5.02 -2.23 -0.82
CA ASN A 101 -4.96 -2.74 -2.18
C ASN A 101 -5.04 -4.28 -2.24
N ALA A 102 -4.23 -4.95 -1.42
CA ALA A 102 -4.26 -6.42 -1.44
C ALA A 102 -5.66 -6.94 -1.08
N VAL A 103 -6.32 -6.28 -0.15
CA VAL A 103 -7.66 -6.71 0.26
C VAL A 103 -8.67 -6.45 -0.85
N ALA A 104 -8.56 -5.32 -1.53
CA ALA A 104 -9.47 -5.00 -2.64
C ALA A 104 -9.27 -6.05 -3.74
N GLY A 105 -8.03 -6.48 -3.96
CA GLY A 105 -7.76 -7.49 -4.96
C GLY A 105 -8.41 -8.82 -4.60
N ALA A 106 -8.38 -9.16 -3.32
CA ALA A 106 -8.98 -10.40 -2.84
C ALA A 106 -10.50 -10.30 -3.02
N TYR A 107 -11.06 -9.13 -2.73
CA TYR A 107 -12.49 -8.94 -2.91
C TYR A 107 -12.84 -9.11 -4.39
N ALA A 108 -12.07 -8.46 -5.25
CA ALA A 108 -12.29 -8.52 -6.68
C ALA A 108 -12.26 -9.93 -7.24
N GLU A 109 -11.41 -10.79 -6.67
CA GLU A 109 -11.28 -12.15 -7.18
C GLU A 109 -11.88 -13.23 -6.28
N LYS A 110 -12.85 -12.80 -5.47
CA LYS A 110 -13.60 -13.72 -4.61
C LYS A 110 -12.75 -14.63 -3.71
N SER A 111 -11.83 -14.02 -2.97
CA SER A 111 -10.96 -14.79 -2.05
C SER A 111 -11.24 -14.27 -0.64
N PRO A 112 -11.67 -15.16 0.26
CA PRO A 112 -11.99 -14.78 1.64
C PRO A 112 -10.84 -14.55 2.59
N VAL A 113 -10.28 -13.36 2.53
CA VAL A 113 -9.19 -12.99 3.42
C VAL A 113 -9.81 -12.35 4.66
N VAL A 114 -9.48 -12.90 5.82
CA VAL A 114 -9.97 -12.35 7.08
C VAL A 114 -8.92 -11.36 7.57
N VAL A 115 -9.27 -10.08 7.53
CA VAL A 115 -8.36 -9.03 7.98
C VAL A 115 -8.62 -8.81 9.46
N ILE A 116 -7.56 -8.89 10.27
CA ILE A 116 -7.67 -8.68 11.71
C ILE A 116 -6.75 -7.53 12.06
N SER A 117 -7.32 -6.41 12.48
CA SER A 117 -6.51 -5.26 12.85
C SER A 117 -6.55 -4.97 14.34
N GLY A 118 -5.39 -4.64 14.89
CA GLY A 118 -5.35 -4.24 16.28
C GLY A 118 -5.98 -2.86 16.30
N ALA A 119 -6.34 -2.36 17.47
CA ALA A 119 -6.96 -1.04 17.57
C ALA A 119 -6.77 -0.52 18.98
N PRO A 120 -6.97 0.79 19.17
CA PRO A 120 -6.82 1.38 20.52
C PRO A 120 -7.79 0.69 21.48
N GLY A 121 -7.41 0.65 22.76
CA GLY A 121 -8.27 0.04 23.76
C GLY A 121 -9.60 0.78 23.85
N THR A 122 -10.65 0.08 24.27
CA THR A 122 -11.97 0.70 24.36
C THR A 122 -12.07 1.92 25.25
N THR A 123 -11.12 2.08 26.16
CA THR A 123 -11.16 3.24 27.04
C THR A 123 -10.07 4.27 26.72
N GLU A 124 -9.50 4.15 25.52
CA GLU A 124 -8.46 5.07 25.08
C GLU A 124 -9.04 6.19 24.21
N GLY A 125 -8.50 6.36 23.01
CA GLY A 125 -9.01 7.35 22.09
C GLY A 125 -8.05 7.70 20.97
N GLY A 128 -6.72 10.85 16.59
CA GLY A 128 -7.60 11.81 15.95
C GLY A 128 -6.89 12.56 14.84
N LEU A 129 -6.03 11.87 14.11
CA LEU A 129 -5.28 12.49 13.03
C LEU A 129 -6.02 12.58 11.70
N LEU A 130 -6.96 11.66 11.47
CA LEU A 130 -7.71 11.66 10.21
C LEU A 130 -9.16 12.12 10.38
N LEU A 131 -9.93 11.95 9.31
CA LEU A 131 -11.35 12.34 9.24
C LEU A 131 -11.55 13.70 8.57
N ASP A 139 -15.05 5.60 12.47
CA ASP A 139 -13.64 5.93 12.26
C ASP A 139 -13.23 5.71 10.81
N THR A 140 -12.25 6.50 10.38
CA THR A 140 -11.73 6.43 9.02
C THR A 140 -11.33 5.02 8.58
N GLN A 141 -10.59 4.31 9.42
CA GLN A 141 -10.16 2.97 9.03
C GLN A 141 -11.33 2.03 8.80
N PHE A 142 -12.28 2.00 9.74
CA PHE A 142 -13.43 1.12 9.59
C PHE A 142 -14.20 1.50 8.32
N GLN A 143 -14.36 2.80 8.08
CA GLN A 143 -15.10 3.27 6.91
C GLN A 143 -14.44 2.87 5.59
N VAL A 144 -13.12 2.86 5.57
CA VAL A 144 -12.41 2.46 4.36
C VAL A 144 -12.55 0.95 4.16
N PHE A 145 -12.35 0.17 5.23
CA PHE A 145 -12.45 -1.27 5.05
C PHE A 145 -13.86 -1.77 4.73
N LYS A 146 -14.87 -1.03 5.16
CA LYS A 146 -16.25 -1.42 4.88
C LYS A 146 -16.49 -1.40 3.37
N GLU A 147 -15.69 -0.62 2.65
CA GLU A 147 -15.84 -0.51 1.20
C GLU A 147 -15.24 -1.68 0.43
N ILE A 148 -14.36 -2.44 1.07
CA ILE A 148 -13.69 -3.56 0.40
C ILE A 148 -13.85 -4.92 1.08
N THR A 149 -14.89 -5.05 1.89
CA THR A 149 -15.18 -6.31 2.59
C THR A 149 -16.68 -6.54 2.60
N VAL A 150 -17.10 -7.80 2.78
CA VAL A 150 -18.53 -8.11 2.80
C VAL A 150 -19.17 -8.06 4.18
N ALA A 151 -18.36 -8.00 5.22
CA ALA A 151 -18.86 -7.92 6.58
C ALA A 151 -17.75 -7.40 7.46
N GLN A 152 -18.12 -6.72 8.53
CA GLN A 152 -17.15 -6.16 9.45
C GLN A 152 -17.66 -6.24 10.88
N ALA A 153 -16.75 -6.23 11.82
CA ALA A 153 -17.13 -6.21 13.22
C ALA A 153 -16.01 -5.64 14.07
N ARG A 154 -16.39 -4.84 15.07
CA ARG A 154 -15.43 -4.32 16.03
C ARG A 154 -15.73 -5.18 17.26
N LEU A 155 -14.75 -5.97 17.67
CA LEU A 155 -14.93 -6.86 18.80
C LEU A 155 -14.60 -6.14 20.11
N ASP A 156 -15.46 -5.18 20.47
CA ASP A 156 -15.27 -4.38 21.67
C ASP A 156 -16.20 -4.77 22.83
N ASP A 157 -16.91 -5.87 22.68
CA ASP A 157 -17.82 -6.35 23.72
C ASP A 157 -17.66 -7.85 23.81
N PRO A 158 -16.93 -8.34 24.84
CA PRO A 158 -16.72 -9.78 25.00
C PRO A 158 -17.97 -10.65 25.04
N ALA A 159 -19.08 -10.11 25.53
CA ALA A 159 -20.31 -10.88 25.58
C ALA A 159 -20.86 -11.15 24.18
N LYS A 160 -20.64 -10.20 23.27
CA LYS A 160 -21.15 -10.33 21.90
C LYS A 160 -20.11 -10.84 20.89
N ALA A 161 -18.85 -10.89 21.31
CA ALA A 161 -17.77 -11.32 20.42
C ALA A 161 -17.98 -12.66 19.72
N PRO A 162 -18.34 -13.72 20.45
CA PRO A 162 -18.53 -15.00 19.76
C PRO A 162 -19.53 -14.99 18.59
N ALA A 163 -20.68 -14.37 18.80
CA ALA A 163 -21.70 -14.29 17.76
C ALA A 163 -21.23 -13.42 16.60
N GLU A 164 -20.51 -12.35 16.91
CA GLU A 164 -20.03 -11.47 15.86
C GLU A 164 -18.97 -12.18 15.02
N ILE A 165 -18.07 -12.92 15.66
CA ILE A 165 -17.06 -13.66 14.91
C ILE A 165 -17.75 -14.67 14.00
N ALA A 166 -18.70 -15.43 14.53
CA ALA A 166 -19.39 -16.41 13.70
C ALA A 166 -20.11 -15.74 12.54
N ARG A 167 -20.72 -14.59 12.80
CA ARG A 167 -21.43 -13.88 11.74
C ARG A 167 -20.49 -13.41 10.64
N VAL A 168 -19.39 -12.78 11.04
CA VAL A 168 -18.44 -12.27 10.07
C VAL A 168 -17.70 -13.36 9.31
N LEU A 169 -17.22 -14.38 10.01
CA LEU A 169 -16.52 -15.47 9.31
C LEU A 169 -17.52 -16.21 8.43
N GLY A 170 -18.77 -16.27 8.88
CA GLY A 170 -19.80 -16.94 8.12
C GLY A 170 -20.07 -16.21 6.81
N ALA A 171 -19.99 -14.88 6.86
CA ALA A 171 -20.22 -14.06 5.67
C ALA A 171 -19.07 -14.28 4.67
N ALA A 172 -17.84 -14.39 5.18
CA ALA A 172 -16.70 -14.62 4.31
C ALA A 172 -16.88 -15.94 3.58
N ARG A 173 -17.40 -16.95 4.28
CA ARG A 173 -17.59 -18.27 3.67
C ARG A 173 -18.82 -18.31 2.76
N ALA A 174 -19.83 -17.51 3.07
CA ALA A 174 -21.05 -17.53 2.28
C ALA A 174 -20.91 -16.81 0.94
N GLN A 175 -20.06 -15.79 0.89
CA GLN A 175 -19.90 -15.06 -0.36
C GLN A 175 -18.50 -15.10 -0.91
N SER A 176 -17.60 -15.78 -0.20
CA SER A 176 -16.20 -15.90 -0.65
C SER A 176 -15.56 -14.54 -0.93
N ARG A 177 -15.63 -13.65 0.06
CA ARG A 177 -15.04 -12.31 -0.04
C ARG A 177 -14.39 -11.99 1.30
N PRO A 178 -13.46 -11.04 1.31
CA PRO A 178 -12.77 -10.65 2.54
C PRO A 178 -13.71 -10.03 3.57
N VAL A 179 -13.31 -10.13 4.83
CA VAL A 179 -14.06 -9.55 5.95
C VAL A 179 -13.07 -8.82 6.85
N TYR A 180 -13.59 -7.96 7.71
CA TYR A 180 -12.78 -7.14 8.59
C TYR A 180 -13.14 -7.26 10.08
N LEU A 181 -12.13 -7.54 10.90
CA LEU A 181 -12.33 -7.64 12.35
C LEU A 181 -11.35 -6.69 13.01
N GLU A 182 -11.88 -5.80 13.85
CA GLU A 182 -11.08 -4.81 14.55
C GLU A 182 -11.11 -5.20 16.03
N ILE A 183 -9.94 -5.37 16.63
CA ILE A 183 -9.87 -5.80 18.03
C ILE A 183 -9.13 -4.81 18.94
N PRO A 184 -9.87 -4.07 19.80
CA PRO A 184 -9.25 -3.12 20.72
C PRO A 184 -8.21 -3.91 21.52
N ARG A 185 -7.03 -3.34 21.75
CA ARG A 185 -6.01 -4.12 22.45
C ARG A 185 -6.36 -4.61 23.86
N ASN A 186 -7.25 -3.91 24.56
CA ASN A 186 -7.62 -4.34 25.91
C ASN A 186 -8.64 -5.48 25.89
N MET A 187 -9.10 -5.86 24.70
CA MET A 187 -10.07 -6.94 24.57
C MET A 187 -9.42 -8.26 24.16
N VAL A 188 -8.17 -8.19 23.71
CA VAL A 188 -7.45 -9.39 23.28
C VAL A 188 -7.49 -10.52 24.31
N ASN A 189 -7.25 -10.18 25.56
CA ASN A 189 -7.22 -11.18 26.61
C ASN A 189 -8.50 -11.33 27.42
N ALA A 190 -9.56 -10.65 27.00
CA ALA A 190 -10.83 -10.76 27.70
C ALA A 190 -11.43 -12.14 27.50
N GLU A 191 -11.99 -12.70 28.57
CA GLU A 191 -12.60 -14.03 28.47
C GLU A 191 -13.88 -13.99 27.65
N VAL A 192 -14.05 -14.99 26.80
CA VAL A 192 -15.26 -15.09 25.99
C VAL A 192 -15.63 -16.56 25.85
N GLU A 193 -16.88 -16.82 25.48
CA GLU A 193 -17.33 -18.19 25.29
C GLU A 193 -16.89 -18.62 23.89
N PRO A 194 -16.83 -19.94 23.64
CA PRO A 194 -16.41 -20.45 22.32
C PRO A 194 -17.30 -19.97 21.18
N VAL A 195 -16.69 -19.79 20.00
CA VAL A 195 -17.43 -19.37 18.82
C VAL A 195 -18.19 -20.56 18.24
N GLY A 196 -19.48 -20.36 17.97
CA GLY A 196 -20.30 -21.43 17.40
C GLY A 196 -20.20 -21.50 15.89
N ASP A 197 -21.16 -22.16 15.25
CA ASP A 197 -21.16 -22.30 13.80
C ASP A 197 -21.68 -21.06 13.08
N ASP A 198 -21.41 -20.99 11.78
CA ASP A 198 -21.87 -19.86 10.98
C ASP A 198 -23.39 -19.80 11.00
N PRO A 199 -23.95 -18.59 11.10
CA PRO A 199 -25.42 -18.48 11.10
C PRO A 199 -25.87 -18.76 9.67
N ALA A 200 -27.03 -19.39 9.51
CA ALA A 200 -27.54 -19.72 8.18
C ALA A 200 -28.00 -18.53 7.34
N TRP A 201 -27.61 -18.52 6.07
CA TRP A 201 -28.02 -17.47 5.15
C TRP A 201 -29.31 -17.94 4.48
N PRO A 202 -30.16 -16.99 4.06
CA PRO A 202 -31.44 -17.31 3.41
C PRO A 202 -31.35 -18.20 2.17
N VAL A 203 -32.24 -19.16 2.06
CA VAL A 203 -32.30 -20.06 0.91
C VAL A 203 -33.77 -20.23 0.55
N ASP A 204 -34.12 -19.78 -0.65
CA ASP A 204 -35.50 -19.88 -1.12
C ASP A 204 -35.70 -21.17 -1.92
N ARG A 205 -36.23 -22.19 -1.27
CA ARG A 205 -36.45 -23.49 -1.90
C ARG A 205 -37.41 -23.43 -3.09
N ASP A 206 -38.41 -22.55 -3.01
CA ASP A 206 -39.36 -22.42 -4.10
C ASP A 206 -38.70 -21.80 -5.31
N ALA A 207 -37.93 -20.74 -5.09
CA ALA A 207 -37.22 -20.06 -6.16
C ALA A 207 -36.18 -20.98 -6.76
N LEU A 208 -35.58 -21.81 -5.92
CA LEU A 208 -34.57 -22.76 -6.38
C LEU A 208 -35.18 -23.73 -7.40
N ALA A 209 -36.34 -24.28 -7.07
CA ALA A 209 -37.02 -25.22 -7.95
C ALA A 209 -37.43 -24.57 -9.27
N ALA A 210 -38.04 -23.39 -9.18
CA ALA A 210 -38.47 -22.67 -10.36
C ALA A 210 -37.28 -22.30 -11.23
N CYS A 211 -36.21 -21.83 -10.59
CA CYS A 211 -35.00 -21.45 -11.30
C CYS A 211 -34.40 -22.64 -12.04
N ALA A 212 -34.25 -23.76 -11.36
CA ALA A 212 -33.70 -24.95 -11.98
C ALA A 212 -34.49 -25.35 -13.22
N ASP A 213 -35.82 -25.31 -13.13
CA ASP A 213 -36.65 -25.67 -14.28
C ASP A 213 -36.43 -24.71 -15.43
N GLU A 214 -36.37 -23.41 -15.12
CA GLU A 214 -36.19 -22.40 -16.16
C GLU A 214 -34.82 -22.51 -16.83
N VAL A 215 -33.80 -22.76 -16.03
CA VAL A 215 -32.45 -22.90 -16.57
C VAL A 215 -32.39 -24.08 -17.54
N LEU A 216 -32.95 -25.23 -17.15
CA LEU A 216 -32.91 -26.39 -18.03
C LEU A 216 -33.70 -26.14 -19.31
N ALA A 217 -34.83 -25.45 -19.20
CA ALA A 217 -35.64 -25.16 -20.37
C ALA A 217 -34.84 -24.26 -21.33
N ALA A 218 -34.15 -23.28 -20.77
CA ALA A 218 -33.35 -22.37 -21.58
C ALA A 218 -32.20 -23.11 -22.27
N MET A 219 -31.55 -24.03 -21.56
CA MET A 219 -30.46 -24.81 -22.12
C MET A 219 -30.96 -25.69 -23.26
N ARG A 220 -32.16 -26.25 -23.09
CA ARG A 220 -32.74 -27.13 -24.10
C ARG A 220 -33.16 -26.41 -25.37
N SER A 221 -33.69 -25.20 -25.23
CA SER A 221 -34.15 -24.46 -26.41
C SER A 221 -33.05 -23.72 -27.15
N ALA A 222 -31.92 -23.49 -26.51
CA ALA A 222 -30.82 -22.78 -27.16
C ALA A 222 -30.24 -23.59 -28.32
N THR A 223 -29.87 -22.89 -29.39
CA THR A 223 -29.28 -23.55 -30.56
C THR A 223 -27.81 -23.87 -30.28
N SER A 224 -27.15 -23.00 -29.52
CA SER A 224 -25.74 -23.17 -29.19
C SER A 224 -25.47 -22.87 -27.71
N PRO A 225 -25.99 -23.70 -26.81
CA PRO A 225 -25.79 -23.50 -25.38
C PRO A 225 -24.34 -23.78 -24.99
N VAL A 226 -23.89 -23.11 -23.94
CA VAL A 226 -22.54 -23.29 -23.43
C VAL A 226 -22.55 -23.24 -21.92
N LEU A 227 -21.88 -24.21 -21.29
CA LEU A 227 -21.77 -24.21 -19.83
C LEU A 227 -20.37 -23.70 -19.48
N MET A 228 -20.31 -22.60 -18.74
CA MET A 228 -19.02 -22.05 -18.30
C MET A 228 -18.81 -22.36 -16.83
N VAL A 229 -17.69 -23.00 -16.52
CA VAL A 229 -17.35 -23.36 -15.14
C VAL A 229 -16.42 -22.27 -14.64
N CYS A 230 -16.84 -21.61 -13.57
CA CYS A 230 -16.14 -20.44 -13.08
C CYS A 230 -15.63 -20.44 -11.64
N VAL A 231 -15.17 -19.27 -11.17
CA VAL A 231 -14.55 -19.14 -9.86
C VAL A 231 -15.30 -19.70 -8.65
N GLU A 232 -16.60 -19.46 -8.53
CA GLU A 232 -17.32 -19.99 -7.39
C GLU A 232 -17.31 -21.52 -7.30
N VAL A 233 -17.18 -22.19 -8.43
CA VAL A 233 -17.16 -23.65 -8.43
C VAL A 233 -15.90 -24.10 -7.69
N ARG A 234 -14.79 -23.40 -7.92
CA ARG A 234 -13.56 -23.76 -7.23
C ARG A 234 -13.63 -23.33 -5.76
N ARG A 235 -14.05 -22.08 -5.51
CA ARG A 235 -14.10 -21.57 -4.14
C ARG A 235 -14.96 -22.43 -3.21
N TYR A 236 -16.09 -22.90 -3.71
CA TYR A 236 -17.02 -23.69 -2.90
C TYR A 236 -16.80 -25.20 -2.93
N GLY A 237 -15.72 -25.63 -3.56
CA GLY A 237 -15.43 -27.05 -3.62
C GLY A 237 -16.49 -27.89 -4.33
N LEU A 238 -17.01 -27.36 -5.43
CA LEU A 238 -18.05 -28.05 -6.19
C LEU A 238 -17.57 -28.77 -7.45
N GLU A 239 -16.27 -29.00 -7.59
CA GLU A 239 -15.80 -29.65 -8.82
C GLU A 239 -16.45 -31.00 -9.14
N ALA A 240 -16.57 -31.88 -8.16
CA ALA A 240 -17.17 -33.19 -8.39
C ALA A 240 -18.62 -33.08 -8.84
N LYS A 241 -19.40 -32.25 -8.14
CA LYS A 241 -20.80 -32.07 -8.49
C LYS A 241 -20.95 -31.44 -9.88
N VAL A 242 -20.09 -30.48 -10.19
CA VAL A 242 -20.18 -29.83 -11.49
C VAL A 242 -19.72 -30.75 -12.62
N ALA A 243 -18.78 -31.66 -12.34
CA ALA A 243 -18.35 -32.60 -13.37
C ALA A 243 -19.56 -33.48 -13.71
N GLU A 244 -20.33 -33.85 -12.68
CA GLU A 244 -21.53 -34.67 -12.88
C GLU A 244 -22.57 -33.87 -13.68
N LEU A 245 -22.78 -32.61 -13.30
CA LEU A 245 -23.73 -31.76 -14.00
C LEU A 245 -23.34 -31.60 -15.47
N ALA A 246 -22.06 -31.35 -15.74
CA ALA A 246 -21.59 -31.17 -17.12
C ALA A 246 -21.86 -32.39 -17.98
N GLN A 247 -21.67 -33.57 -17.41
CA GLN A 247 -21.92 -34.78 -18.18
C GLN A 247 -23.41 -34.92 -18.48
N ARG A 248 -24.26 -34.69 -17.47
CA ARG A 248 -25.70 -34.84 -17.66
C ARG A 248 -26.36 -33.75 -18.49
N LEU A 249 -25.82 -32.52 -18.42
CA LEU A 249 -26.42 -31.41 -19.16
C LEU A 249 -26.22 -31.54 -20.67
N GLY A 250 -25.15 -32.20 -21.08
CA GLY A 250 -24.92 -32.43 -22.49
C GLY A 250 -24.62 -31.26 -23.41
N VAL A 251 -24.03 -30.19 -22.88
CA VAL A 251 -23.68 -29.04 -23.69
C VAL A 251 -22.19 -28.78 -23.60
N PRO A 252 -21.64 -28.02 -24.58
CA PRO A 252 -20.20 -27.72 -24.59
C PRO A 252 -19.76 -27.05 -23.29
N VAL A 253 -18.58 -27.43 -22.81
CA VAL A 253 -18.05 -26.92 -21.56
C VAL A 253 -16.81 -26.05 -21.80
N VAL A 254 -16.75 -24.93 -21.09
CA VAL A 254 -15.61 -24.00 -21.18
C VAL A 254 -15.36 -23.46 -19.77
N THR A 255 -14.13 -23.05 -19.48
CA THR A 255 -13.87 -22.47 -18.16
C THR A 255 -13.47 -21.02 -18.31
N THR A 256 -13.66 -20.24 -17.25
CA THR A 256 -13.20 -18.86 -17.25
C THR A 256 -11.76 -18.94 -16.74
N PHE A 257 -11.05 -17.82 -16.73
CA PHE A 257 -9.68 -17.83 -16.24
C PHE A 257 -9.57 -18.38 -14.81
N MET A 258 -10.47 -17.92 -13.93
CA MET A 258 -10.44 -18.38 -12.55
C MET A 258 -10.97 -19.81 -12.40
N GLY A 259 -11.52 -20.36 -13.47
CA GLY A 259 -12.00 -21.73 -13.41
C GLY A 259 -11.03 -22.66 -14.13
N ARG A 260 -9.93 -22.10 -14.62
CA ARG A 260 -8.92 -22.87 -15.36
C ARG A 260 -8.45 -24.10 -14.60
N GLY A 261 -8.51 -25.26 -15.23
CA GLY A 261 -8.09 -26.49 -14.59
C GLY A 261 -9.23 -27.34 -14.05
N LEU A 262 -10.38 -26.72 -13.81
CA LEU A 262 -11.54 -27.45 -13.30
C LEU A 262 -12.04 -28.46 -14.35
N LEU A 263 -12.51 -29.60 -13.88
CA LEU A 263 -13.05 -30.66 -14.75
C LEU A 263 -12.05 -31.25 -15.74
N ALA A 264 -10.76 -31.04 -15.49
CA ALA A 264 -9.73 -31.56 -16.40
C ALA A 264 -9.81 -33.07 -16.57
N ASP A 265 -10.14 -33.77 -15.49
CA ASP A 265 -10.22 -35.24 -15.54
C ASP A 265 -11.64 -35.76 -15.72
N ALA A 266 -12.58 -34.86 -15.96
CA ALA A 266 -13.98 -35.24 -16.12
C ALA A 266 -14.33 -35.89 -17.47
N PRO A 267 -15.48 -36.58 -17.53
CA PRO A 267 -15.92 -37.24 -18.76
C PRO A 267 -16.18 -36.22 -19.86
N THR A 268 -16.58 -35.01 -19.47
CA THR A 268 -16.81 -33.92 -20.42
C THR A 268 -16.00 -32.73 -19.93
N PRO A 269 -14.69 -32.74 -20.21
CA PRO A 269 -13.77 -31.67 -19.81
C PRO A 269 -13.93 -30.40 -20.63
N PRO A 270 -13.40 -29.28 -20.12
CA PRO A 270 -13.51 -28.01 -20.85
C PRO A 270 -12.81 -28.07 -22.21
N LEU A 271 -13.41 -27.44 -23.21
CA LEU A 271 -12.83 -27.39 -24.55
C LEU A 271 -11.64 -26.45 -24.50
N GLY A 272 -11.64 -25.57 -23.51
CA GLY A 272 -10.57 -24.61 -23.34
C GLY A 272 -10.97 -23.57 -22.32
N THR A 273 -10.13 -22.55 -22.18
CA THR A 273 -10.37 -21.45 -21.25
C THR A 273 -10.63 -20.16 -22.01
N TYR A 274 -11.78 -19.55 -21.71
CA TYR A 274 -12.13 -18.28 -22.35
C TYR A 274 -11.43 -17.14 -21.59
N ILE A 275 -10.71 -16.29 -22.31
CA ILE A 275 -10.04 -15.15 -21.68
C ILE A 275 -10.16 -13.91 -22.53
N GLY A 276 -11.14 -13.90 -23.43
CA GLY A 276 -11.32 -12.74 -24.29
C GLY A 276 -10.53 -12.84 -25.59
N VAL A 277 -10.30 -11.69 -26.23
CA VAL A 277 -9.59 -11.66 -27.50
C VAL A 277 -8.21 -12.30 -27.49
N ALA A 278 -7.57 -12.38 -26.32
CA ALA A 278 -6.24 -12.97 -26.21
C ALA A 278 -6.23 -14.50 -26.32
N GLY A 279 -7.39 -15.12 -26.17
CA GLY A 279 -7.46 -16.58 -26.22
C GLY A 279 -7.71 -17.22 -27.57
N ASP A 280 -8.02 -18.51 -27.55
CA ASP A 280 -8.29 -19.26 -28.77
C ASP A 280 -9.53 -18.69 -29.45
N ALA A 281 -9.40 -18.41 -30.75
CA ALA A 281 -10.49 -17.84 -31.53
C ALA A 281 -11.77 -18.67 -31.51
N GLU A 282 -11.63 -20.00 -31.59
CA GLU A 282 -12.80 -20.88 -31.60
C GLU A 282 -13.55 -20.83 -30.26
N ILE A 283 -12.80 -20.82 -29.17
CA ILE A 283 -13.41 -20.77 -27.84
C ILE A 283 -14.11 -19.41 -27.66
N THR A 284 -13.44 -18.34 -28.09
CA THR A 284 -14.00 -17.01 -27.97
C THR A 284 -15.32 -16.90 -28.73
N ARG A 285 -15.33 -17.42 -29.96
CA ARG A 285 -16.52 -17.39 -30.80
C ARG A 285 -17.66 -18.22 -30.18
N LEU A 286 -17.32 -19.40 -29.69
CA LEU A 286 -18.31 -20.27 -29.08
C LEU A 286 -19.03 -19.56 -27.93
N VAL A 287 -18.25 -18.92 -27.07
CA VAL A 287 -18.80 -18.21 -25.92
C VAL A 287 -19.59 -16.96 -26.30
N GLU A 288 -18.99 -16.11 -27.12
CA GLU A 288 -19.63 -14.86 -27.49
C GLU A 288 -20.83 -14.99 -28.43
N GLU A 289 -20.94 -16.12 -29.13
CA GLU A 289 -22.08 -16.31 -30.02
C GLU A 289 -23.16 -17.20 -29.40
N SER A 290 -22.91 -17.67 -28.17
CA SER A 290 -23.88 -18.54 -27.51
C SER A 290 -25.23 -17.87 -27.22
N ASP A 291 -26.31 -18.59 -27.48
CA ASP A 291 -27.66 -18.09 -27.21
C ASP A 291 -28.24 -18.76 -25.97
N GLY A 292 -27.34 -19.34 -25.17
CA GLY A 292 -27.71 -20.01 -23.93
C GLY A 292 -26.43 -20.20 -23.14
N LEU A 293 -25.87 -19.09 -22.68
CA LEU A 293 -24.61 -19.08 -21.93
C LEU A 293 -24.85 -19.19 -20.43
N PHE A 294 -24.55 -20.35 -19.87
CA PHE A 294 -24.74 -20.60 -18.45
C PHE A 294 -23.43 -20.31 -17.71
N LEU A 295 -23.36 -19.15 -17.05
CA LEU A 295 -22.17 -18.75 -16.30
C LEU A 295 -22.35 -19.28 -14.89
N LEU A 296 -21.76 -20.43 -14.62
CA LEU A 296 -21.87 -21.05 -13.31
C LEU A 296 -20.79 -20.52 -12.36
N GLY A 297 -21.14 -19.46 -11.62
CA GLY A 297 -20.25 -18.86 -10.63
C GLY A 297 -19.25 -17.84 -11.13
N ALA A 298 -19.57 -17.16 -12.23
CA ALA A 298 -18.65 -16.22 -12.85
C ALA A 298 -18.64 -14.77 -12.38
N ILE A 299 -17.43 -14.21 -12.32
CA ILE A 299 -17.26 -12.81 -12.00
C ILE A 299 -17.48 -12.14 -13.36
N LEU A 300 -18.29 -11.09 -13.40
CA LEU A 300 -18.52 -10.37 -14.65
C LEU A 300 -17.80 -9.02 -14.55
N SER A 301 -16.88 -8.77 -15.46
CA SER A 301 -16.11 -7.52 -15.44
C SER A 301 -15.46 -7.25 -16.79
N ASP A 302 -15.14 -5.98 -17.06
CA ASP A 302 -14.52 -5.62 -18.32
C ASP A 302 -13.00 -5.58 -18.24
N THR A 303 -12.44 -6.03 -17.12
CA THR A 303 -10.98 -6.00 -16.97
C THR A 303 -10.27 -7.30 -17.29
N ASN A 304 -9.19 -7.15 -18.07
CA ASN A 304 -8.33 -8.26 -18.43
C ASN A 304 -9.11 -9.49 -18.87
N PHE A 305 -8.78 -10.62 -18.26
CA PHE A 305 -9.33 -11.91 -18.66
C PHE A 305 -10.77 -12.26 -18.26
N ALA A 306 -11.45 -11.38 -17.53
CA ALA A 306 -12.81 -11.66 -17.09
C ALA A 306 -13.82 -11.72 -18.23
N VAL A 307 -14.92 -12.44 -17.99
CA VAL A 307 -16.00 -12.51 -18.96
C VAL A 307 -16.66 -11.14 -18.84
N SER A 308 -16.77 -10.44 -19.97
CA SER A 308 -17.34 -9.10 -19.98
C SER A 308 -18.76 -9.01 -20.48
N GLN A 309 -19.58 -8.26 -19.75
CA GLN A 309 -20.97 -8.06 -20.13
C GLN A 309 -21.06 -7.42 -21.51
N ARG A 310 -19.97 -6.78 -21.95
CA ARG A 310 -19.93 -6.12 -23.25
C ARG A 310 -19.53 -7.05 -24.40
N LYS A 311 -19.11 -8.27 -24.08
CA LYS A 311 -18.71 -9.23 -25.11
C LYS A 311 -19.71 -10.35 -25.33
N ILE A 312 -20.57 -10.60 -24.35
CA ILE A 312 -21.57 -11.65 -24.44
C ILE A 312 -22.97 -11.05 -24.51
N ASP A 313 -23.97 -11.89 -24.81
CA ASP A 313 -25.34 -11.41 -24.87
C ASP A 313 -26.03 -11.73 -23.56
N LEU A 314 -26.08 -10.76 -22.66
CA LEU A 314 -26.71 -10.96 -21.36
C LEU A 314 -28.17 -11.39 -21.44
N ARG A 315 -28.83 -11.04 -22.54
CA ARG A 315 -30.22 -11.40 -22.72
C ARG A 315 -30.38 -12.91 -22.78
N LYS A 316 -29.35 -13.60 -23.28
CA LYS A 316 -29.39 -15.05 -23.40
C LYS A 316 -28.42 -15.71 -22.41
N THR A 317 -28.05 -14.96 -21.38
CA THR A 317 -27.11 -15.47 -20.38
C THR A 317 -27.80 -15.83 -19.06
N ILE A 318 -27.33 -16.92 -18.45
CA ILE A 318 -27.84 -17.35 -17.16
C ILE A 318 -26.64 -17.14 -16.24
N HIS A 319 -26.75 -16.15 -15.36
CA HIS A 319 -25.65 -15.80 -14.46
C HIS A 319 -25.92 -16.23 -13.02
N ALA A 320 -25.25 -17.29 -12.58
CA ALA A 320 -25.40 -17.79 -11.22
C ALA A 320 -24.16 -17.29 -10.48
N PHE A 321 -24.36 -16.39 -9.51
CA PHE A 321 -23.24 -15.79 -8.79
C PHE A 321 -23.74 -15.05 -7.55
N ASP A 322 -22.89 -14.93 -6.54
CA ASP A 322 -23.25 -14.20 -5.31
C ASP A 322 -24.59 -14.62 -4.71
N ARG A 323 -24.84 -15.93 -4.72
CA ARG A 323 -26.07 -16.51 -4.16
C ARG A 323 -27.36 -16.04 -4.83
N ALA A 324 -27.28 -15.76 -6.13
CA ALA A 324 -28.45 -15.36 -6.91
C ALA A 324 -28.29 -15.91 -8.32
N VAL A 325 -29.38 -15.89 -9.08
CA VAL A 325 -29.33 -16.37 -10.46
C VAL A 325 -30.15 -15.43 -11.31
N THR A 326 -29.52 -14.88 -12.34
CA THR A 326 -30.18 -13.95 -13.25
C THR A 326 -30.32 -14.52 -14.65
N LEU A 327 -31.53 -14.42 -15.20
CA LEU A 327 -31.83 -14.90 -16.56
C LEU A 327 -33.22 -14.43 -17.00
N GLY A 328 -33.47 -14.49 -18.31
CA GLY A 328 -34.76 -14.09 -18.85
C GLY A 328 -35.35 -12.79 -18.31
N TYR A 329 -34.49 -11.82 -18.04
CA TYR A 329 -34.92 -10.51 -17.54
C TYR A 329 -35.47 -10.51 -16.10
N HIS A 330 -34.98 -11.43 -15.27
CA HIS A 330 -35.42 -11.51 -13.88
C HIS A 330 -34.33 -12.17 -13.03
N THR A 331 -34.34 -11.88 -11.74
CA THR A 331 -33.34 -12.43 -10.83
C THR A 331 -33.94 -13.18 -9.65
N TYR A 332 -33.44 -14.39 -9.43
CA TYR A 332 -33.85 -15.24 -8.33
C TYR A 332 -32.86 -14.99 -7.19
N ALA A 333 -33.36 -14.60 -6.04
CA ALA A 333 -32.51 -14.33 -4.90
C ALA A 333 -32.45 -15.52 -3.95
N ASP A 334 -31.44 -15.53 -3.08
CA ASP A 334 -31.25 -16.59 -2.11
C ASP A 334 -31.12 -17.99 -2.73
N ILE A 335 -30.23 -18.09 -3.71
CA ILE A 335 -29.96 -19.35 -4.37
C ILE A 335 -28.48 -19.66 -4.30
N PRO A 336 -28.07 -20.50 -3.35
CA PRO A 336 -26.66 -20.86 -3.22
C PRO A 336 -26.27 -21.69 -4.44
N LEU A 337 -25.06 -21.51 -4.94
CA LEU A 337 -24.61 -22.24 -6.11
C LEU A 337 -24.70 -23.76 -5.92
N ALA A 338 -24.28 -24.24 -4.75
CA ALA A 338 -24.34 -25.67 -4.48
C ALA A 338 -25.77 -26.18 -4.58
N GLY A 339 -26.72 -25.36 -4.15
CA GLY A 339 -28.12 -25.75 -4.19
C GLY A 339 -28.67 -25.80 -5.60
N LEU A 340 -28.26 -24.84 -6.43
CA LEU A 340 -28.70 -24.81 -7.82
C LEU A 340 -28.18 -26.05 -8.54
N VAL A 341 -26.90 -26.38 -8.30
CA VAL A 341 -26.31 -27.54 -8.94
C VAL A 341 -27.05 -28.82 -8.52
N ASP A 342 -27.34 -28.97 -7.24
CA ASP A 342 -28.07 -30.15 -6.79
C ASP A 342 -29.45 -30.22 -7.40
N ALA A 343 -30.13 -29.08 -7.51
CA ALA A 343 -31.47 -29.03 -8.09
C ALA A 343 -31.46 -29.41 -9.57
N LEU A 344 -30.41 -29.01 -10.28
CA LEU A 344 -30.30 -29.36 -11.68
C LEU A 344 -30.01 -30.85 -11.84
N LEU A 345 -29.19 -31.39 -10.95
CA LEU A 345 -28.88 -32.83 -11.04
C LEU A 345 -30.11 -33.69 -10.81
N GLU A 346 -30.96 -33.25 -9.89
CA GLU A 346 -32.19 -33.98 -9.58
C GLU A 346 -33.13 -34.04 -10.78
N ARG A 347 -32.96 -33.11 -11.71
CA ARG A 347 -33.81 -33.03 -12.89
C ARG A 347 -33.21 -33.56 -14.19
N LEU A 348 -32.01 -34.14 -14.09
CA LEU A 348 -31.32 -34.68 -15.24
C LEU A 348 -30.99 -36.16 -15.04
N PRO A 349 -31.28 -37.00 -16.05
CA PRO A 349 -30.95 -38.41 -15.84
C PRO A 349 -29.45 -38.64 -16.00
N PRO A 350 -28.95 -39.75 -15.45
CA PRO A 350 -27.52 -40.08 -15.55
C PRO A 350 -27.17 -40.23 -17.03
N SER A 351 -25.89 -40.05 -17.37
CA SER A 351 -25.45 -40.20 -18.74
C SER A 351 -24.01 -40.69 -18.74
N ASP A 352 -23.62 -41.43 -19.79
CA ASP A 352 -22.26 -41.92 -19.90
C ASP A 352 -21.52 -41.12 -20.96
N ARG A 353 -22.14 -40.01 -21.37
CA ARG A 353 -21.60 -39.10 -22.37
C ARG A 353 -20.15 -38.75 -22.06
N THR A 354 -19.30 -38.84 -23.06
CA THR A 354 -17.88 -38.54 -22.89
C THR A 354 -17.37 -37.74 -24.08
N THR A 355 -16.70 -36.63 -23.80
CA THR A 355 -16.18 -35.79 -24.86
C THR A 355 -14.68 -35.57 -24.74
N ARG A 356 -14.01 -36.47 -24.04
CA ARG A 356 -12.56 -36.37 -23.88
C ARG A 356 -11.89 -36.64 -25.23
N GLY A 357 -10.67 -36.13 -25.37
CA GLY A 357 -9.90 -36.30 -26.59
C GLY A 357 -8.48 -35.81 -26.33
N LYS A 358 -7.63 -35.87 -27.35
CA LYS A 358 -6.25 -35.40 -27.16
C LYS A 358 -6.26 -33.92 -26.81
N GLU A 359 -5.31 -33.54 -25.95
CA GLU A 359 -5.17 -32.16 -25.47
C GLU A 359 -5.67 -31.08 -26.43
N PRO A 360 -6.55 -30.20 -25.94
CA PRO A 360 -7.10 -29.11 -26.76
C PRO A 360 -6.05 -28.02 -26.97
N HIS A 361 -5.50 -27.51 -25.86
CA HIS A 361 -4.48 -26.47 -25.93
C HIS A 361 -3.10 -27.07 -26.09
N ALA A 362 -2.46 -26.75 -27.21
CA ALA A 362 -1.13 -27.26 -27.50
C ALA A 362 -0.08 -26.38 -26.81
N TYR A 363 0.62 -26.96 -25.84
CA TYR A 363 1.65 -26.24 -25.10
C TYR A 363 2.94 -26.22 -25.88
N PRO A 364 3.61 -25.05 -25.91
CA PRO A 364 4.87 -24.92 -26.63
C PRO A 364 6.00 -25.74 -25.99
N THR A 365 6.72 -26.48 -26.81
CA THR A 365 7.82 -27.30 -26.34
C THR A 365 8.99 -27.16 -27.30
N GLY A 366 10.10 -27.82 -26.97
CA GLY A 366 11.27 -27.77 -27.85
C GLY A 366 12.12 -26.53 -27.77
N LEU A 367 12.55 -26.18 -26.56
CA LEU A 367 13.41 -25.01 -26.40
C LEU A 367 14.70 -25.23 -27.18
N GLN A 368 15.10 -24.23 -27.96
CA GLN A 368 16.35 -24.32 -28.71
C GLN A 368 17.42 -23.73 -27.79
N ALA A 369 18.11 -24.59 -27.06
CA ALA A 369 19.12 -24.16 -26.10
C ALA A 369 20.41 -23.70 -26.76
N ASP A 370 20.37 -22.51 -27.36
CA ASP A 370 21.52 -21.97 -28.08
C ASP A 370 21.94 -20.58 -27.63
N GLY A 371 22.72 -19.89 -28.46
CA GLY A 371 23.20 -18.57 -28.11
C GLY A 371 22.29 -17.39 -28.38
N GLU A 372 21.06 -17.65 -28.82
CA GLU A 372 20.12 -16.56 -29.10
C GLU A 372 19.54 -15.97 -27.82
N PRO A 373 19.08 -14.71 -27.88
CA PRO A 373 18.50 -14.07 -26.70
C PRO A 373 17.21 -14.78 -26.31
N ILE A 374 16.74 -14.50 -25.10
CA ILE A 374 15.53 -15.12 -24.58
C ILE A 374 14.27 -14.33 -24.88
N ALA A 375 13.22 -15.05 -25.28
CA ALA A 375 11.92 -14.45 -25.52
C ALA A 375 10.97 -15.13 -24.52
N PRO A 376 9.85 -14.48 -24.18
CA PRO A 376 8.92 -15.11 -23.23
C PRO A 376 8.53 -16.55 -23.62
N MET A 377 8.30 -16.81 -24.91
CA MET A 377 7.92 -18.17 -25.30
C MET A 377 9.02 -19.20 -25.02
N ASP A 378 10.26 -18.76 -24.98
CA ASP A 378 11.37 -19.68 -24.69
C ASP A 378 11.27 -20.09 -23.23
N ILE A 379 10.82 -19.19 -22.37
CA ILE A 379 10.68 -19.52 -20.96
C ILE A 379 9.56 -20.54 -20.82
N ALA A 380 8.46 -20.37 -21.56
CA ALA A 380 7.38 -21.34 -21.51
C ALA A 380 7.90 -22.71 -22.01
N ARG A 381 8.66 -22.71 -23.10
CA ARG A 381 9.17 -23.97 -23.62
C ARG A 381 10.12 -24.64 -22.62
N ALA A 382 10.93 -23.85 -21.92
CA ALA A 382 11.87 -24.44 -20.96
C ALA A 382 11.13 -25.16 -19.85
N VAL A 383 10.10 -24.50 -19.32
CA VAL A 383 9.29 -25.07 -18.25
C VAL A 383 8.57 -26.31 -18.74
N ASN A 384 7.93 -26.21 -19.91
CA ASN A 384 7.17 -27.33 -20.45
C ASN A 384 8.04 -28.53 -20.80
N ASP A 385 9.24 -28.28 -21.33
CA ASP A 385 10.12 -29.39 -21.67
C ASP A 385 10.46 -30.20 -20.42
N ARG A 386 10.68 -29.51 -19.29
CA ARG A 386 11.00 -30.24 -18.08
C ARG A 386 9.85 -31.15 -17.67
N VAL A 387 8.63 -30.62 -17.77
CA VAL A 387 7.44 -31.39 -17.42
C VAL A 387 7.30 -32.59 -18.34
N ARG A 388 7.48 -32.38 -19.64
CA ARG A 388 7.34 -33.47 -20.61
C ARG A 388 8.42 -34.54 -20.40
N ALA A 389 9.54 -34.16 -19.82
CA ALA A 389 10.64 -35.07 -19.55
C ALA A 389 10.42 -35.83 -18.24
N GLY A 390 9.33 -35.55 -17.53
CA GLY A 390 9.06 -36.27 -16.30
C GLY A 390 8.86 -35.50 -15.01
N GLN A 391 9.10 -34.19 -15.02
CA GLN A 391 8.92 -33.40 -13.81
C GLN A 391 7.45 -33.19 -13.51
N GLU A 392 7.03 -33.47 -12.28
CA GLU A 392 5.65 -33.22 -11.91
C GLU A 392 5.50 -31.70 -11.93
N PRO A 393 4.47 -31.18 -12.62
CA PRO A 393 4.28 -29.73 -12.69
C PRO A 393 4.10 -29.05 -11.33
N LEU A 394 4.55 -27.81 -11.25
CA LEU A 394 4.40 -27.03 -10.02
C LEU A 394 3.24 -26.08 -10.20
N LEU A 395 2.64 -25.65 -9.09
CA LEU A 395 1.59 -24.64 -9.18
C LEU A 395 2.37 -23.35 -9.47
N ILE A 396 1.79 -22.49 -10.32
CA ILE A 396 2.45 -21.25 -10.68
C ILE A 396 1.72 -20.04 -10.10
N ALA A 397 2.50 -19.14 -9.51
CA ALA A 397 1.96 -17.88 -8.99
C ALA A 397 2.51 -16.85 -9.97
N ALA A 398 1.65 -16.04 -10.54
CA ALA A 398 2.11 -15.04 -11.49
C ALA A 398 1.68 -13.64 -11.10
N ASP A 399 2.51 -12.67 -11.41
CA ASP A 399 2.18 -11.27 -11.16
C ASP A 399 1.46 -10.79 -12.43
N MET A 400 1.12 -9.51 -12.48
CA MET A 400 0.49 -8.94 -13.65
C MET A 400 1.61 -8.43 -14.55
N GLY A 401 1.50 -8.73 -15.85
CA GLY A 401 2.51 -8.34 -16.82
C GLY A 401 2.61 -9.44 -17.86
N ASP A 402 3.59 -9.38 -18.75
CA ASP A 402 3.71 -10.44 -19.74
C ASP A 402 3.99 -11.79 -19.06
N CYS A 403 4.46 -11.76 -17.82
CA CYS A 403 4.69 -13.02 -17.10
C CYS A 403 3.38 -13.82 -17.01
N LEU A 404 2.25 -13.14 -16.84
CA LEU A 404 0.95 -13.80 -16.76
C LEU A 404 0.54 -14.34 -18.13
N PHE A 405 0.72 -13.52 -19.16
CA PHE A 405 0.37 -13.94 -20.51
C PHE A 405 1.22 -15.14 -20.95
N THR A 406 2.46 -15.20 -20.47
CA THR A 406 3.35 -16.30 -20.78
C THR A 406 2.94 -17.55 -19.99
N ALA A 407 2.53 -17.36 -18.74
CA ALA A 407 2.10 -18.47 -17.90
C ALA A 407 0.88 -19.18 -18.47
N MET A 408 0.07 -18.48 -19.25
CA MET A 408 -1.10 -19.12 -19.86
C MET A 408 -0.66 -20.29 -20.74
N ASP A 409 0.59 -20.25 -21.21
CA ASP A 409 1.11 -21.30 -22.06
C ASP A 409 2.07 -22.25 -21.36
N MET A 410 2.02 -22.25 -20.02
CA MET A 410 2.87 -23.15 -19.23
C MET A 410 2.03 -24.26 -18.61
N ILE A 411 2.58 -25.47 -18.62
CA ILE A 411 1.89 -26.61 -18.00
C ILE A 411 2.04 -26.43 -16.49
N ASP A 412 0.94 -26.41 -15.77
CA ASP A 412 0.99 -26.20 -14.33
C ASP A 412 0.11 -27.14 -13.52
N ALA A 413 0.20 -27.00 -12.20
CA ALA A 413 -0.59 -27.76 -11.24
C ALA A 413 -1.40 -26.68 -10.55
N GLY A 414 -1.93 -25.77 -11.37
CA GLY A 414 -2.71 -24.66 -10.88
C GLY A 414 -1.99 -23.36 -11.23
N LEU A 415 -2.75 -22.30 -11.45
CA LEU A 415 -2.22 -20.97 -11.77
C LEU A 415 -2.95 -19.97 -10.90
N MET A 416 -2.19 -19.21 -10.14
CA MET A 416 -2.75 -18.21 -9.24
C MET A 416 -2.23 -16.85 -9.70
N ALA A 417 -3.13 -15.94 -10.07
CA ALA A 417 -2.67 -14.64 -10.56
C ALA A 417 -3.81 -13.64 -10.51
N PRO A 418 -3.48 -12.33 -10.59
CA PRO A 418 -4.53 -11.30 -10.56
C PRO A 418 -5.10 -11.13 -11.98
N GLY A 419 -5.64 -12.23 -12.51
CA GLY A 419 -6.18 -12.23 -13.86
C GLY A 419 -7.31 -11.27 -14.15
N TYR A 420 -8.06 -10.87 -13.12
CA TYR A 420 -9.16 -9.93 -13.32
C TYR A 420 -8.82 -8.57 -12.73
N TYR A 421 -8.33 -8.55 -11.49
CA TYR A 421 -7.99 -7.31 -10.80
C TYR A 421 -6.81 -6.58 -11.45
N ALA A 422 -5.89 -7.37 -12.00
CA ALA A 422 -4.72 -6.86 -12.71
C ALA A 422 -3.79 -5.96 -11.92
N GLY A 423 -3.75 -6.14 -10.60
CA GLY A 423 -2.87 -5.33 -9.78
C GLY A 423 -1.50 -5.97 -9.65
N MET A 424 -0.47 -5.16 -9.78
CA MET A 424 0.91 -5.65 -9.67
C MET A 424 1.37 -5.82 -8.23
N GLY A 425 2.33 -6.74 -8.05
CA GLY A 425 2.92 -6.99 -6.75
C GLY A 425 2.47 -8.28 -6.13
N PHE A 426 1.43 -8.87 -6.69
CA PHE A 426 0.86 -10.11 -6.19
C PHE A 426 1.78 -11.34 -6.28
N GLY A 427 2.55 -11.41 -7.36
CA GLY A 427 3.35 -12.59 -7.65
C GLY A 427 4.23 -13.26 -6.64
N VAL A 428 5.29 -12.57 -6.24
CA VAL A 428 6.22 -13.15 -5.28
C VAL A 428 5.55 -13.42 -3.94
N PRO A 429 4.81 -12.45 -3.38
CA PRO A 429 4.13 -12.71 -2.09
C PRO A 429 3.13 -13.85 -2.18
N ALA A 430 2.46 -14.00 -3.32
CA ALA A 430 1.49 -15.09 -3.46
C ALA A 430 2.23 -16.42 -3.50
N GLY A 431 3.37 -16.47 -4.18
CA GLY A 431 4.13 -17.70 -4.22
C GLY A 431 4.58 -18.06 -2.82
N ILE A 432 4.96 -17.05 -2.04
CA ILE A 432 5.40 -17.26 -0.67
C ILE A 432 4.23 -17.76 0.20
N GLY A 433 3.08 -17.09 0.10
CA GLY A 433 1.94 -17.52 0.90
C GLY A 433 1.49 -18.93 0.57
N ALA A 434 1.44 -19.23 -0.72
CA ALA A 434 1.03 -20.56 -1.14
C ALA A 434 2.01 -21.59 -0.65
N GLN A 435 3.31 -21.34 -0.80
CA GLN A 435 4.26 -22.35 -0.35
C GLN A 435 4.25 -22.52 1.17
N CYS A 436 3.91 -21.48 1.92
CA CYS A 436 3.85 -21.63 3.37
C CYS A 436 2.81 -22.67 3.77
N VAL A 437 1.76 -22.83 2.97
CA VAL A 437 0.71 -23.79 3.30
C VAL A 437 0.66 -25.02 2.39
N SER A 438 1.66 -25.16 1.52
CA SER A 438 1.69 -26.26 0.56
C SER A 438 2.30 -27.58 1.02
N GLY A 439 2.72 -27.65 2.28
CA GLY A 439 3.29 -28.89 2.77
C GLY A 439 4.47 -29.36 1.96
N GLY A 440 5.35 -28.42 1.64
CA GLY A 440 6.55 -28.72 0.89
C GLY A 440 6.48 -28.71 -0.63
N LYS A 441 5.28 -28.59 -1.20
CA LYS A 441 5.15 -28.55 -2.65
C LYS A 441 5.76 -27.23 -3.08
N ARG A 442 6.73 -27.30 -3.99
CA ARG A 442 7.42 -26.12 -4.44
C ARG A 442 6.55 -25.29 -5.36
N ILE A 443 6.68 -23.96 -5.24
CA ILE A 443 5.88 -23.07 -6.08
C ILE A 443 6.80 -22.37 -7.07
N LEU A 444 6.33 -22.25 -8.31
CA LEU A 444 7.08 -21.54 -9.35
C LEU A 444 6.41 -20.19 -9.52
N THR A 445 7.18 -19.13 -9.31
CA THR A 445 6.66 -17.78 -9.46
C THR A 445 7.21 -17.13 -10.72
N VAL A 446 6.35 -16.49 -11.50
CA VAL A 446 6.80 -15.73 -12.67
C VAL A 446 6.42 -14.27 -12.39
N VAL A 447 7.36 -13.36 -12.66
CA VAL A 447 7.17 -11.96 -12.32
C VAL A 447 8.06 -11.08 -13.19
N GLY A 448 7.57 -9.89 -13.54
CA GLY A 448 8.37 -8.98 -14.35
C GLY A 448 9.27 -8.09 -13.51
N ASP A 449 10.13 -7.32 -14.17
CA ASP A 449 11.05 -6.45 -13.44
C ASP A 449 10.32 -5.32 -12.70
N GLY A 450 9.31 -4.74 -13.32
CA GLY A 450 8.57 -3.68 -12.67
C GLY A 450 7.90 -4.19 -11.41
N ALA A 451 7.25 -5.34 -11.50
CA ALA A 451 6.57 -5.91 -10.33
C ALA A 451 7.55 -6.37 -9.26
N PHE A 452 8.70 -6.91 -9.67
CA PHE A 452 9.67 -7.34 -8.68
C PHE A 452 10.17 -6.15 -7.85
N GLN A 453 10.33 -5.00 -8.49
CA GLN A 453 10.79 -3.81 -7.78
C GLN A 453 9.80 -3.42 -6.68
N MET A 454 8.56 -3.85 -6.83
CA MET A 454 7.52 -3.56 -5.84
C MET A 454 7.54 -4.48 -4.64
N THR A 455 7.49 -5.79 -4.90
CA THR A 455 7.38 -6.77 -3.82
C THR A 455 8.26 -8.00 -3.91
N GLY A 456 9.18 -8.06 -4.87
CA GLY A 456 10.03 -9.23 -4.99
C GLY A 456 10.96 -9.41 -3.79
N TRP A 457 11.25 -8.31 -3.10
CA TRP A 457 12.13 -8.28 -1.94
C TRP A 457 11.64 -9.16 -0.80
N GLU A 458 10.36 -9.52 -0.85
CA GLU A 458 9.81 -10.37 0.20
C GLU A 458 10.51 -11.73 0.24
N LEU A 459 11.25 -12.06 -0.82
CA LEU A 459 11.98 -13.33 -0.85
C LEU A 459 13.00 -13.39 0.28
N GLY A 460 13.38 -12.24 0.84
CA GLY A 460 14.32 -12.24 1.94
C GLY A 460 13.78 -12.95 3.19
N ASN A 461 12.49 -13.26 3.18
CA ASN A 461 11.86 -13.95 4.31
C ASN A 461 11.78 -15.46 4.14
N CYS A 462 12.19 -15.96 2.98
CA CYS A 462 12.10 -17.40 2.74
C CYS A 462 12.80 -18.29 3.75
N ARG A 463 14.01 -17.94 4.14
CA ARG A 463 14.73 -18.79 5.09
C ARG A 463 13.97 -18.94 6.39
N ARG A 464 13.50 -17.82 6.96
CA ARG A 464 12.77 -17.90 8.22
C ARG A 464 11.45 -18.67 8.07
N LEU A 465 10.82 -18.53 6.92
CA LEU A 465 9.56 -19.22 6.65
C LEU A 465 9.77 -20.69 6.28
N GLY A 466 11.01 -21.06 6.02
CA GLY A 466 11.33 -22.43 5.67
C GLY A 466 10.84 -22.86 4.31
N ILE A 467 10.86 -21.95 3.34
CA ILE A 467 10.42 -22.27 1.99
C ILE A 467 11.51 -21.92 0.96
N ASP A 468 11.37 -22.48 -0.24
CA ASP A 468 12.39 -22.30 -1.29
C ASP A 468 11.81 -22.19 -2.69
N PRO A 469 10.91 -21.23 -2.92
CA PRO A 469 10.32 -21.12 -4.25
C PRO A 469 11.32 -20.81 -5.38
N ILE A 470 10.92 -21.19 -6.59
CA ILE A 470 11.72 -20.90 -7.79
C ILE A 470 11.02 -19.68 -8.38
N VAL A 471 11.80 -18.67 -8.69
CA VAL A 471 11.26 -17.44 -9.24
C VAL A 471 11.92 -17.09 -10.56
N ILE A 472 11.12 -16.98 -11.62
CA ILE A 472 11.66 -16.59 -12.92
C ILE A 472 11.26 -15.13 -13.11
N LEU A 473 12.25 -14.24 -13.11
CA LEU A 473 12.04 -12.81 -13.25
C LEU A 473 12.30 -12.41 -14.70
N PHE A 474 11.25 -11.90 -15.35
CA PHE A 474 11.31 -11.46 -16.74
C PHE A 474 11.86 -10.05 -16.73
N ASN A 475 13.15 -9.90 -17.04
CA ASN A 475 13.75 -8.58 -16.99
C ASN A 475 13.95 -7.93 -18.35
N ASN A 476 12.97 -7.13 -18.76
CA ASN A 476 13.08 -6.42 -20.02
C ASN A 476 13.36 -4.92 -19.80
N ALA A 477 13.73 -4.55 -18.57
CA ALA A 477 14.02 -3.15 -18.23
C ALA A 477 12.92 -2.29 -18.81
N SER A 478 11.69 -2.67 -18.49
CA SER A 478 10.54 -1.99 -19.07
C SER A 478 9.22 -2.35 -18.42
N TRP A 479 8.29 -1.41 -18.48
CA TRP A 479 6.92 -1.67 -18.06
C TRP A 479 6.37 -2.00 -19.47
N GLU A 480 6.68 -3.19 -19.95
CA GLU A 480 6.35 -3.57 -21.31
C GLU A 480 4.89 -3.62 -21.69
N MET A 481 4.02 -4.06 -20.80
CA MET A 481 2.61 -4.07 -21.14
C MET A 481 2.14 -2.65 -21.48
N LEU A 482 2.70 -1.66 -20.79
CA LEU A 482 2.30 -0.28 -21.05
C LEU A 482 2.91 0.20 -22.37
N ARG A 483 4.11 -0.28 -22.69
CA ARG A 483 4.73 0.08 -23.96
C ARG A 483 3.85 -0.42 -25.12
N THR A 484 3.25 -1.59 -24.97
CA THR A 484 2.43 -2.12 -26.06
C THR A 484 1.21 -1.25 -26.31
N PHE A 485 0.74 -0.58 -25.27
CA PHE A 485 -0.44 0.28 -25.38
C PHE A 485 -0.11 1.70 -25.83
N GLN A 486 1.08 2.18 -25.48
CA GLN A 486 1.49 3.55 -25.82
C GLN A 486 3.00 3.55 -26.01
N PRO A 487 3.46 2.97 -27.12
CA PRO A 487 4.89 2.88 -27.41
C PRO A 487 5.67 4.17 -27.57
N GLU A 488 4.99 5.27 -27.84
CA GLU A 488 5.70 6.52 -28.00
C GLU A 488 6.27 7.08 -26.70
N SER A 489 5.78 6.62 -25.55
CA SER A 489 6.23 7.15 -24.27
C SER A 489 7.57 6.68 -23.77
N ALA A 490 8.38 7.62 -23.30
CA ALA A 490 9.71 7.30 -22.80
C ALA A 490 9.71 6.75 -21.38
N PHE A 491 8.68 7.10 -20.60
CA PHE A 491 8.65 6.68 -19.20
C PHE A 491 8.51 5.18 -18.94
N ASN A 492 8.21 4.40 -19.96
CA ASN A 492 8.08 2.95 -19.78
C ASN A 492 9.44 2.27 -19.83
N ASP A 493 10.47 3.04 -20.17
CA ASP A 493 11.83 2.51 -20.19
C ASP A 493 12.35 2.52 -18.76
N LEU A 494 12.72 1.35 -18.24
CA LEU A 494 13.23 1.27 -16.88
C LEU A 494 14.74 1.09 -16.94
N ASP A 495 15.38 1.26 -15.80
CA ASP A 495 16.84 1.15 -15.70
C ASP A 495 17.21 -0.32 -15.53
N ASP A 496 18.52 -0.57 -15.52
CA ASP A 496 19.06 -1.90 -15.33
C ASP A 496 19.21 -2.14 -13.83
N TRP A 497 18.50 -3.14 -13.31
CA TRP A 497 18.62 -3.52 -11.90
C TRP A 497 19.20 -4.94 -11.98
N ARG A 498 20.26 -5.20 -11.22
CA ARG A 498 20.89 -6.53 -11.24
C ARG A 498 20.26 -7.37 -10.14
N PHE A 499 19.08 -7.88 -10.43
CA PHE A 499 18.32 -8.64 -9.44
C PHE A 499 19.01 -9.91 -8.96
N ALA A 500 19.57 -10.68 -9.90
CA ALA A 500 20.26 -11.91 -9.52
C ALA A 500 21.38 -11.59 -8.53
N ASP A 501 22.09 -10.50 -8.77
CA ASP A 501 23.19 -10.08 -7.88
C ASP A 501 22.72 -9.69 -6.48
N MET A 502 21.42 -9.41 -6.34
CA MET A 502 20.90 -9.00 -5.05
C MET A 502 20.31 -10.18 -4.26
N ALA A 503 20.20 -11.34 -4.90
CA ALA A 503 19.61 -12.50 -4.24
C ALA A 503 20.36 -13.00 -3.02
N ALA A 504 21.69 -13.03 -3.10
CA ALA A 504 22.46 -13.53 -1.98
C ALA A 504 22.21 -12.75 -0.69
N GLY A 505 22.03 -11.44 -0.82
CA GLY A 505 21.79 -10.61 0.36
C GLY A 505 20.48 -10.95 1.04
N MET A 506 19.58 -11.62 0.30
CA MET A 506 18.28 -12.03 0.79
C MET A 506 18.24 -13.51 1.14
N GLY A 507 19.39 -14.17 1.08
CA GLY A 507 19.44 -15.58 1.43
C GLY A 507 19.06 -16.58 0.35
N GLY A 508 19.14 -16.18 -0.92
CA GLY A 508 18.81 -17.10 -1.99
C GLY A 508 19.89 -17.16 -3.06
N ASP A 509 19.66 -17.98 -4.07
CA ASP A 509 20.61 -18.14 -5.17
C ASP A 509 20.07 -17.50 -6.43
N GLY A 510 20.80 -16.54 -6.95
CA GLY A 510 20.35 -15.86 -8.14
C GLY A 510 21.32 -16.02 -9.29
N VAL A 511 20.77 -16.04 -10.49
CA VAL A 511 21.58 -16.13 -11.69
C VAL A 511 20.93 -15.31 -12.80
N ARG A 512 21.74 -14.51 -13.49
CA ARG A 512 21.24 -13.72 -14.61
C ARG A 512 21.57 -14.50 -15.88
N VAL A 513 20.57 -14.72 -16.72
CA VAL A 513 20.77 -15.47 -17.95
C VAL A 513 20.37 -14.61 -19.15
N ARG A 514 21.16 -14.69 -20.22
CA ARG A 514 20.90 -13.93 -21.44
C ARG A 514 20.62 -14.77 -22.68
N THR A 515 21.10 -16.00 -22.70
CA THR A 515 20.86 -16.87 -23.86
C THR A 515 19.94 -18.02 -23.53
N ARG A 516 19.37 -18.62 -24.56
CA ARG A 516 18.48 -19.75 -24.36
C ARG A 516 19.20 -20.92 -23.71
N ALA A 517 20.47 -21.12 -24.05
CA ALA A 517 21.24 -22.21 -23.45
C ALA A 517 21.42 -21.93 -21.95
N GLU A 518 21.69 -20.68 -21.59
CA GLU A 518 21.87 -20.33 -20.19
C GLU A 518 20.56 -20.52 -19.43
N LEU A 519 19.45 -20.16 -20.07
CA LEU A 519 18.15 -20.34 -19.44
C LEU A 519 17.88 -21.82 -19.15
N LYS A 520 18.15 -22.69 -20.11
CA LYS A 520 17.90 -24.11 -19.91
C LYS A 520 18.72 -24.64 -18.74
N ALA A 521 20.00 -24.27 -18.70
CA ALA A 521 20.88 -24.72 -17.62
C ALA A 521 20.44 -24.19 -16.27
N ALA A 522 20.07 -22.91 -16.22
CA ALA A 522 19.65 -22.32 -14.96
C ALA A 522 18.37 -22.92 -14.42
N LEU A 523 17.42 -23.24 -15.30
CA LEU A 523 16.17 -23.83 -14.84
C LEU A 523 16.45 -25.20 -14.24
N ASP A 524 17.30 -25.99 -14.89
CA ASP A 524 17.63 -27.31 -14.35
C ASP A 524 18.31 -27.16 -12.99
N LYS A 525 19.23 -26.22 -12.87
CA LYS A 525 19.94 -26.01 -11.60
C LYS A 525 18.98 -25.59 -10.50
N ALA A 526 18.04 -24.72 -10.84
CA ALA A 526 17.07 -24.24 -9.86
C ALA A 526 16.25 -25.41 -9.32
N PHE A 527 15.74 -26.25 -10.21
CA PHE A 527 14.95 -27.39 -9.78
C PHE A 527 15.78 -28.40 -8.99
N ALA A 528 17.05 -28.49 -9.32
CA ALA A 528 17.91 -29.46 -8.62
C ALA A 528 18.37 -28.97 -7.25
N THR A 529 18.10 -27.70 -6.95
CA THR A 529 18.55 -27.07 -5.71
C THR A 529 17.45 -26.58 -4.80
N ARG A 530 17.11 -27.36 -3.78
CA ARG A 530 16.10 -26.96 -2.82
C ARG A 530 16.81 -26.44 -1.56
N GLY A 531 16.06 -25.87 -0.64
CA GLY A 531 16.64 -25.36 0.60
C GLY A 531 16.86 -23.84 0.63
N ARG A 532 16.91 -23.23 -0.56
CA ARG A 532 17.09 -21.78 -0.70
C ARG A 532 16.27 -21.37 -1.91
N PHE A 533 15.67 -20.18 -1.88
CA PHE A 533 14.92 -19.76 -3.06
C PHE A 533 15.89 -19.62 -4.23
N GLN A 534 15.36 -19.86 -5.42
CA GLN A 534 16.16 -19.79 -6.64
C GLN A 534 15.58 -18.73 -7.55
N LEU A 535 16.38 -17.71 -7.82
CA LEU A 535 15.95 -16.60 -8.67
C LEU A 535 16.68 -16.64 -10.01
N ILE A 536 15.91 -16.84 -11.07
CA ILE A 536 16.47 -16.85 -12.42
C ILE A 536 16.06 -15.53 -13.06
N GLU A 537 17.03 -14.65 -13.28
CA GLU A 537 16.76 -13.36 -13.88
C GLU A 537 17.00 -13.49 -15.39
N ALA A 538 15.90 -13.59 -16.13
CA ALA A 538 15.97 -13.79 -17.57
C ALA A 538 15.92 -12.45 -18.29
N MET A 539 17.02 -12.09 -18.94
CA MET A 539 17.06 -10.83 -19.69
C MET A 539 16.29 -11.01 -21.00
N ILE A 540 15.37 -10.10 -21.27
CA ILE A 540 14.54 -10.17 -22.47
C ILE A 540 14.54 -8.82 -23.14
N PRO A 541 14.69 -8.78 -24.48
CA PRO A 541 14.69 -7.46 -25.13
C PRO A 541 13.29 -6.81 -25.11
N ARG A 542 13.27 -5.47 -25.17
CA ARG A 542 12.01 -4.76 -25.25
C ARG A 542 11.40 -5.08 -26.62
N GLY A 543 10.07 -5.08 -26.69
CA GLY A 543 9.41 -5.37 -27.94
C GLY A 543 9.17 -6.84 -28.22
N VAL A 544 9.66 -7.71 -27.34
CA VAL A 544 9.50 -9.15 -27.50
C VAL A 544 8.45 -9.60 -26.52
N LEU A 545 7.34 -10.10 -27.05
CA LEU A 545 6.18 -10.50 -26.24
C LEU A 545 5.79 -11.96 -26.36
N SER A 546 5.06 -12.44 -25.37
CA SER A 546 4.53 -13.80 -25.40
C SER A 546 3.51 -13.84 -26.54
N ASP A 547 3.20 -15.02 -27.04
CA ASP A 547 2.20 -15.11 -28.12
C ASP A 547 0.83 -14.63 -27.65
N THR A 548 0.48 -14.92 -26.40
CA THR A 548 -0.82 -14.50 -25.90
C THR A 548 -0.91 -12.99 -25.76
N LEU A 549 0.16 -12.34 -25.31
CA LEU A 549 0.11 -10.88 -25.19
C LEU A 549 0.08 -10.29 -26.60
N ALA A 550 0.80 -10.89 -27.53
CA ALA A 550 0.79 -10.37 -28.90
C ALA A 550 -0.64 -10.46 -29.47
N ARG A 551 -1.35 -11.54 -29.20
CA ARG A 551 -2.73 -11.65 -29.70
C ARG A 551 -3.64 -10.63 -29.02
N PHE A 552 -3.39 -10.38 -27.74
CA PHE A 552 -4.15 -9.42 -26.96
C PHE A 552 -4.02 -8.03 -27.58
N VAL A 553 -2.78 -7.63 -27.84
CA VAL A 553 -2.50 -6.33 -28.44
C VAL A 553 -3.11 -6.18 -29.84
N GLN A 554 -2.96 -7.22 -30.67
CA GLN A 554 -3.52 -7.18 -32.03
C GLN A 554 -5.05 -7.16 -31.98
N GLY A 555 -5.61 -7.92 -31.04
CA GLY A 555 -7.06 -7.97 -30.91
C GLY A 555 -7.66 -6.63 -30.54
N GLN A 556 -6.90 -5.85 -29.77
CA GLN A 556 -7.33 -4.53 -29.35
C GLN A 556 -7.39 -3.60 -30.56
N LYS A 557 -6.32 -3.61 -31.36
CA LYS A 557 -6.23 -2.77 -32.54
C LYS A 557 -7.37 -3.09 -33.50
N ARG A 558 -7.60 -4.38 -33.76
CA ARG A 558 -8.65 -4.81 -34.66
C ARG A 558 -9.98 -4.14 -34.31
N LEU A 559 -10.21 -3.95 -33.00
CA LEU A 559 -11.43 -3.30 -32.54
C LEU A 559 -11.19 -1.81 -32.37
N GLY B 18 -10.22 33.57 -25.31
CA GLY B 18 -10.85 32.58 -26.25
C GLY B 18 -9.96 31.38 -26.52
N SER B 19 -8.86 31.29 -25.79
CA SER B 19 -7.93 30.17 -25.95
C SER B 19 -8.38 29.00 -25.10
N HIS B 20 -7.96 27.81 -25.49
CA HIS B 20 -8.30 26.60 -24.76
C HIS B 20 -7.17 25.61 -24.94
N MET B 21 -7.08 24.65 -24.04
CA MET B 21 -6.04 23.64 -24.10
C MET B 21 -6.59 22.33 -23.59
N LYS B 22 -5.82 21.27 -23.77
CA LYS B 22 -6.24 19.97 -23.29
C LYS B 22 -6.44 20.09 -21.78
N LEU B 23 -7.47 19.42 -21.28
CA LEU B 23 -7.78 19.43 -19.86
C LEU B 23 -6.54 19.07 -19.02
N ALA B 24 -5.80 18.03 -19.44
CA ALA B 24 -4.62 17.62 -18.69
C ALA B 24 -3.58 18.74 -18.63
N GLU B 25 -3.43 19.49 -19.72
CA GLU B 25 -2.45 20.57 -19.73
C GLU B 25 -2.91 21.71 -18.82
N ALA B 26 -4.22 21.99 -18.83
CA ALA B 26 -4.77 23.04 -17.98
C ALA B 26 -4.51 22.70 -16.51
N LEU B 27 -4.59 21.43 -16.16
CA LEU B 27 -4.37 21.01 -14.78
C LEU B 27 -2.89 21.15 -14.40
N LEU B 28 -2.02 20.67 -15.29
CA LEU B 28 -0.59 20.77 -15.04
C LEU B 28 -0.16 22.22 -14.89
N ARG B 29 -0.68 23.11 -15.74
CA ARG B 29 -0.32 24.52 -15.60
C ARG B 29 -0.89 25.11 -14.31
N ALA B 30 -2.11 24.68 -13.92
CA ALA B 30 -2.71 25.19 -12.69
C ALA B 30 -1.85 24.79 -11.49
N LEU B 31 -1.28 23.59 -11.55
CA LEU B 31 -0.41 23.11 -10.47
C LEU B 31 0.89 23.91 -10.43
N LYS B 32 1.49 24.12 -11.59
CA LYS B 32 2.73 24.87 -11.68
C LYS B 32 2.47 26.32 -11.21
N ASP B 33 1.33 26.89 -11.58
CA ASP B 33 0.96 28.25 -11.17
C ASP B 33 0.94 28.37 -9.64
N ARG B 34 0.61 27.27 -8.99
CA ARG B 34 0.51 27.25 -7.53
C ARG B 34 1.78 26.78 -6.82
N GLY B 35 2.85 26.67 -7.57
CA GLY B 35 4.12 26.28 -6.97
C GLY B 35 4.59 24.85 -7.07
N ALA B 36 3.77 23.95 -7.62
CA ALA B 36 4.19 22.56 -7.75
C ALA B 36 5.51 22.52 -8.53
N GLN B 37 6.43 21.67 -8.10
CA GLN B 37 7.75 21.58 -8.73
C GLN B 37 8.02 20.30 -9.51
N ALA B 38 7.18 19.29 -9.32
CA ALA B 38 7.37 18.04 -10.03
C ALA B 38 6.14 17.18 -9.87
N MET B 39 6.07 16.14 -10.68
CA MET B 39 4.98 15.20 -10.56
C MET B 39 5.59 13.81 -10.45
N PHE B 40 5.23 13.10 -9.39
CA PHE B 40 5.74 11.75 -9.18
C PHE B 40 4.60 10.83 -9.59
N GLY B 41 4.93 9.67 -10.16
CA GLY B 41 3.86 8.78 -10.55
C GLY B 41 4.24 7.44 -11.13
N ILE B 42 3.24 6.58 -11.23
CA ILE B 42 3.37 5.27 -11.86
C ILE B 42 2.13 5.16 -12.73
N PRO B 43 2.32 4.95 -14.03
CA PRO B 43 1.20 4.85 -14.96
C PRO B 43 0.52 3.48 -15.00
N GLY B 44 -0.54 3.40 -15.78
CA GLY B 44 -1.31 2.19 -15.99
C GLY B 44 -2.22 2.51 -17.17
N ASP B 45 -2.94 1.53 -17.70
CA ASP B 45 -3.80 1.76 -18.86
C ASP B 45 -4.64 3.04 -18.82
N PHE B 46 -5.46 3.19 -17.79
CA PHE B 46 -6.33 4.36 -17.70
C PHE B 46 -5.60 5.69 -17.54
N ALA B 47 -4.38 5.68 -17.02
CA ALA B 47 -3.63 6.91 -16.84
C ALA B 47 -2.63 7.20 -17.95
N LEU B 48 -2.46 6.27 -18.89
CA LEU B 48 -1.47 6.50 -19.94
C LEU B 48 -1.64 7.81 -20.70
N PRO B 49 -2.86 8.14 -21.14
CA PRO B 49 -3.00 9.40 -21.87
C PRO B 49 -2.59 10.65 -21.07
N PHE B 50 -2.88 10.63 -19.76
CA PHE B 50 -2.51 11.76 -18.92
C PHE B 50 -0.99 11.84 -18.81
N PHE B 51 -0.34 10.69 -18.60
CA PHE B 51 1.11 10.69 -18.50
C PHE B 51 1.76 11.15 -19.81
N LYS B 52 1.13 10.85 -20.94
CA LYS B 52 1.65 11.29 -22.24
C LYS B 52 1.64 12.82 -22.29
N VAL B 53 0.55 13.45 -21.86
CA VAL B 53 0.51 14.90 -21.87
C VAL B 53 1.59 15.47 -20.94
N ALA B 54 1.72 14.89 -19.75
CA ALA B 54 2.73 15.36 -18.80
C ALA B 54 4.13 15.25 -19.41
N GLU B 55 4.41 14.12 -20.04
CA GLU B 55 5.74 13.93 -20.61
C GLU B 55 6.02 14.84 -21.81
N GLU B 56 5.04 14.98 -22.71
CA GLU B 56 5.22 15.81 -23.91
C GLU B 56 5.26 17.30 -23.63
N THR B 57 4.41 17.79 -22.73
CA THR B 57 4.38 19.22 -22.45
C THR B 57 5.54 19.69 -21.58
N GLN B 58 6.06 18.79 -20.75
CA GLN B 58 7.16 19.11 -19.86
C GLN B 58 6.85 20.27 -18.92
N ILE B 59 5.57 20.47 -18.61
CA ILE B 59 5.19 21.55 -17.71
C ILE B 59 5.78 21.32 -16.32
N LEU B 60 5.71 20.07 -15.86
CA LEU B 60 6.29 19.68 -14.58
C LEU B 60 7.19 18.48 -14.82
N PRO B 61 8.37 18.47 -14.18
CA PRO B 61 9.28 17.33 -14.38
C PRO B 61 8.50 16.09 -13.94
N LEU B 62 8.62 15.01 -14.71
CA LEU B 62 7.92 13.77 -14.43
C LEU B 62 8.90 12.73 -13.90
N HIS B 63 8.70 12.36 -12.63
CA HIS B 63 9.58 11.39 -11.98
C HIS B 63 8.81 10.11 -11.65
N THR B 64 9.24 8.98 -12.19
CA THR B 64 8.57 7.75 -11.86
C THR B 64 9.32 7.03 -10.75
N LEU B 65 8.60 6.20 -10.01
CA LEU B 65 9.19 5.43 -8.94
C LEU B 65 8.77 3.98 -9.16
N SER B 66 9.16 3.09 -8.25
CA SER B 66 8.85 1.68 -8.43
C SER B 66 7.51 1.21 -7.94
N HIS B 67 7.12 1.70 -6.77
CA HIS B 67 5.90 1.24 -6.11
C HIS B 67 5.09 2.47 -5.64
N GLU B 68 3.76 2.40 -5.70
CA GLU B 68 2.95 3.56 -5.34
C GLU B 68 3.16 4.18 -3.97
N PRO B 69 3.49 3.36 -2.93
CA PRO B 69 3.71 4.03 -1.63
C PRO B 69 4.76 5.14 -1.78
N ALA B 70 5.84 4.82 -2.50
CA ALA B 70 6.93 5.77 -2.73
C ALA B 70 6.48 7.00 -3.51
N VAL B 71 5.54 6.80 -4.45
CA VAL B 71 5.01 7.94 -5.21
C VAL B 71 4.34 8.90 -4.23
N GLY B 72 3.50 8.36 -3.34
CA GLY B 72 2.84 9.21 -2.37
C GLY B 72 3.78 9.85 -1.37
N PHE B 73 4.73 9.07 -0.85
CA PHE B 73 5.67 9.61 0.12
C PHE B 73 6.56 10.68 -0.51
N ALA B 74 6.97 10.46 -1.76
CA ALA B 74 7.84 11.41 -2.45
C ALA B 74 7.11 12.73 -2.73
N ALA B 75 5.84 12.65 -3.15
CA ALA B 75 5.07 13.85 -3.40
C ALA B 75 4.83 14.59 -2.09
N ASP B 76 4.60 13.84 -1.01
CA ASP B 76 4.39 14.45 0.31
C ASP B 76 5.68 15.20 0.69
N ALA B 77 6.82 14.51 0.58
CA ALA B 77 8.10 15.12 0.90
C ALA B 77 8.38 16.37 0.05
N ALA B 78 8.05 16.33 -1.24
CA ALA B 78 8.28 17.50 -2.10
C ALA B 78 7.42 18.66 -1.63
N ALA B 79 6.19 18.35 -1.23
CA ALA B 79 5.28 19.39 -0.73
C ALA B 79 5.85 19.99 0.54
N ARG B 80 6.34 19.14 1.44
CA ARG B 80 6.88 19.62 2.70
C ARG B 80 8.15 20.43 2.50
N TYR B 81 9.00 19.97 1.60
CA TYR B 81 10.27 20.63 1.35
C TYR B 81 10.11 22.09 0.95
N SER B 82 9.17 22.37 0.05
CA SER B 82 8.96 23.72 -0.44
C SER B 82 7.69 24.41 0.04
N SER B 83 6.98 23.78 0.97
CA SER B 83 5.72 24.34 1.49
C SER B 83 4.82 24.72 0.33
N THR B 84 4.64 23.77 -0.59
CA THR B 84 3.80 23.97 -1.75
C THR B 84 2.96 22.72 -2.00
N LEU B 85 2.33 22.65 -3.17
CA LEU B 85 1.54 21.46 -3.51
C LEU B 85 2.44 20.32 -3.99
N GLY B 86 2.13 19.10 -3.56
CA GLY B 86 2.85 17.92 -4.02
C GLY B 86 1.94 17.29 -5.07
N VAL B 87 2.48 16.52 -6.02
CA VAL B 87 1.65 15.92 -7.06
C VAL B 87 1.99 14.45 -7.22
N ALA B 88 0.97 13.60 -7.02
CA ALA B 88 1.12 12.15 -7.10
C ALA B 88 0.12 11.60 -8.11
N ALA B 89 0.62 11.04 -9.21
CA ALA B 89 -0.21 10.52 -10.28
C ALA B 89 -0.21 9.00 -10.31
N VAL B 90 -1.40 8.43 -10.33
CA VAL B 90 -1.58 6.98 -10.32
C VAL B 90 -2.63 6.54 -11.32
N THR B 91 -2.78 5.23 -11.45
CA THR B 91 -3.77 4.68 -12.35
C THR B 91 -4.91 4.09 -11.53
N TYR B 92 -6.08 4.02 -12.16
CA TYR B 92 -7.29 3.52 -11.53
C TYR B 92 -7.15 2.11 -10.99
N GLY B 93 -7.75 1.87 -9.83
CA GLY B 93 -7.73 0.54 -9.25
C GLY B 93 -6.55 0.28 -8.33
N ALA B 94 -5.85 -0.80 -8.59
CA ALA B 94 -4.72 -1.19 -7.76
C ALA B 94 -3.71 -0.07 -7.52
N GLY B 95 -3.36 0.66 -8.57
CA GLY B 95 -2.41 1.74 -8.40
C GLY B 95 -2.84 2.75 -7.34
N ALA B 96 -4.06 3.25 -7.46
CA ALA B 96 -4.55 4.22 -6.50
C ALA B 96 -4.76 3.64 -5.10
N PHE B 97 -5.30 2.42 -5.01
CA PHE B 97 -5.51 1.82 -3.69
C PHE B 97 -4.18 1.59 -2.98
N ASN B 98 -3.12 1.41 -3.77
CA ASN B 98 -1.79 1.16 -3.23
C ASN B 98 -1.13 2.42 -2.66
N MET B 99 -1.79 3.57 -2.81
CA MET B 99 -1.27 4.82 -2.30
C MET B 99 -2.12 5.39 -1.15
N VAL B 100 -3.12 4.62 -0.71
CA VAL B 100 -4.00 5.08 0.36
C VAL B 100 -3.26 5.41 1.67
N ASN B 101 -2.31 4.57 2.06
CA ASN B 101 -1.57 4.82 3.29
C ASN B 101 -0.72 6.09 3.20
N ALA B 102 0.00 6.27 2.10
CA ALA B 102 0.81 7.48 1.95
C ALA B 102 -0.05 8.74 1.97
N VAL B 103 -1.21 8.68 1.33
CA VAL B 103 -2.10 9.84 1.31
C VAL B 103 -2.67 10.07 2.71
N ALA B 104 -3.03 9.01 3.42
CA ALA B 104 -3.54 9.18 4.78
C ALA B 104 -2.47 9.84 5.65
N GLY B 105 -1.21 9.43 5.47
CA GLY B 105 -0.12 10.03 6.22
C GLY B 105 0.06 11.52 5.92
N ALA B 106 -0.11 11.90 4.65
CA ALA B 106 0.00 13.30 4.27
C ALA B 106 -1.17 14.08 4.89
N TYR B 107 -2.34 13.48 4.90
CA TYR B 107 -3.50 14.14 5.51
C TYR B 107 -3.21 14.35 6.99
N ALA B 108 -2.77 13.28 7.65
CA ALA B 108 -2.48 13.33 9.07
C ALA B 108 -1.49 14.42 9.45
N GLU B 109 -0.52 14.66 8.58
CA GLU B 109 0.50 15.66 8.87
C GLU B 109 0.43 16.95 8.07
N LYS B 110 -0.79 17.27 7.64
CA LYS B 110 -1.09 18.52 6.95
C LYS B 110 -0.20 18.86 5.75
N SER B 111 -0.08 17.90 4.84
CA SER B 111 0.71 18.10 3.63
C SER B 111 -0.23 17.96 2.44
N PRO B 112 -0.32 19.01 1.61
CA PRO B 112 -1.20 19.04 0.44
C PRO B 112 -0.73 18.28 -0.80
N VAL B 113 -0.96 16.97 -0.78
CA VAL B 113 -0.63 16.14 -1.91
C VAL B 113 -1.85 16.06 -2.82
N VAL B 114 -1.67 16.48 -4.06
CA VAL B 114 -2.75 16.41 -5.05
C VAL B 114 -2.66 15.04 -5.71
N VAL B 115 -3.63 14.19 -5.43
CA VAL B 115 -3.68 12.86 -6.00
C VAL B 115 -4.43 12.95 -7.32
N ILE B 116 -3.80 12.52 -8.42
CA ILE B 116 -4.45 12.54 -9.73
C ILE B 116 -4.54 11.11 -10.22
N SER B 117 -5.75 10.57 -10.33
CA SER B 117 -5.90 9.20 -10.81
C SER B 117 -6.55 9.12 -12.17
N GLY B 118 -5.98 8.28 -13.04
CA GLY B 118 -6.60 8.07 -14.34
C GLY B 118 -7.86 7.28 -14.01
N ALA B 119 -8.83 7.26 -14.92
CA ALA B 119 -10.06 6.53 -14.65
C ALA B 119 -10.68 6.09 -15.97
N PRO B 120 -11.66 5.18 -15.92
CA PRO B 120 -12.29 4.73 -17.16
C PRO B 120 -12.92 5.92 -17.85
N GLY B 121 -13.02 5.85 -19.18
CA GLY B 121 -13.63 6.92 -19.94
C GLY B 121 -15.09 7.04 -19.55
N THR B 122 -15.69 8.20 -19.80
CA THR B 122 -17.09 8.41 -19.45
C THR B 122 -18.05 7.48 -20.20
N THR B 123 -17.60 6.89 -21.30
CA THR B 123 -18.46 5.98 -22.05
C THR B 123 -18.20 4.53 -21.63
N GLU B 124 -17.16 4.33 -20.84
CA GLU B 124 -16.78 3.00 -20.37
C GLU B 124 -17.50 2.65 -19.07
N LEU B 129 -15.55 -4.72 -10.39
CA LEU B 129 -15.02 -5.78 -9.55
C LEU B 129 -15.29 -5.56 -8.07
N LEU B 130 -15.39 -4.29 -7.66
CA LEU B 130 -15.64 -3.97 -6.26
C LEU B 130 -17.08 -3.47 -6.04
N ASP B 139 -18.53 4.99 -6.79
CA ASP B 139 -17.41 4.08 -7.05
C ASP B 139 -16.59 3.89 -5.78
N THR B 140 -16.14 2.67 -5.55
CA THR B 140 -15.37 2.33 -4.37
C THR B 140 -14.14 3.21 -4.19
N GLN B 141 -13.39 3.40 -5.28
CA GLN B 141 -12.18 4.23 -5.19
C GLN B 141 -12.48 5.64 -4.75
N PHE B 142 -13.48 6.26 -5.36
CA PHE B 142 -13.83 7.62 -4.99
C PHE B 142 -14.23 7.68 -3.52
N GLN B 143 -15.05 6.71 -3.10
CA GLN B 143 -15.51 6.65 -1.71
C GLN B 143 -14.36 6.52 -0.72
N VAL B 144 -13.37 5.71 -1.07
CA VAL B 144 -12.22 5.53 -0.19
C VAL B 144 -11.40 6.82 -0.10
N PHE B 145 -11.13 7.45 -1.25
CA PHE B 145 -10.35 8.66 -1.20
C PHE B 145 -11.04 9.82 -0.50
N LYS B 146 -12.37 9.83 -0.49
CA LYS B 146 -13.11 10.88 0.21
C LYS B 146 -12.78 10.85 1.71
N GLU B 147 -12.42 9.67 2.23
CA GLU B 147 -12.10 9.55 3.64
C GLU B 147 -10.75 10.10 4.03
N ILE B 148 -9.87 10.29 3.04
CA ILE B 148 -8.51 10.76 3.32
C ILE B 148 -8.08 12.01 2.56
N THR B 149 -9.05 12.79 2.07
CA THR B 149 -8.76 14.03 1.35
C THR B 149 -9.80 15.08 1.78
N VAL B 150 -9.50 16.36 1.57
CA VAL B 150 -10.43 17.41 1.97
C VAL B 150 -11.34 17.91 0.84
N ALA B 151 -11.04 17.50 -0.39
CA ALA B 151 -11.87 17.87 -1.54
C ALA B 151 -11.60 16.87 -2.65
N GLN B 152 -12.60 16.63 -3.48
CA GLN B 152 -12.50 15.68 -4.58
C GLN B 152 -13.28 16.21 -5.76
N ALA B 153 -12.91 15.77 -6.96
CA ALA B 153 -13.65 16.13 -8.16
C ALA B 153 -13.36 15.09 -9.23
N ARG B 154 -14.38 14.73 -9.98
CA ARG B 154 -14.22 13.82 -11.10
C ARG B 154 -14.37 14.80 -12.26
N LEU B 155 -13.31 14.97 -13.04
CA LEU B 155 -13.32 15.92 -14.15
C LEU B 155 -13.91 15.28 -15.40
N ASP B 156 -15.24 15.13 -15.38
CA ASP B 156 -15.96 14.50 -16.48
C ASP B 156 -16.80 15.46 -17.31
N ASP B 157 -16.65 16.75 -17.08
CA ASP B 157 -17.40 17.77 -17.80
C ASP B 157 -16.42 18.89 -18.18
N PRO B 158 -16.03 18.96 -19.46
CA PRO B 158 -15.09 19.99 -19.92
C PRO B 158 -15.47 21.42 -19.54
N ALA B 159 -16.75 21.74 -19.64
CA ALA B 159 -17.21 23.08 -19.32
C ALA B 159 -16.96 23.48 -17.87
N LYS B 160 -17.06 22.52 -16.96
CA LYS B 160 -16.87 22.84 -15.55
C LYS B 160 -15.53 22.43 -14.96
N ALA B 161 -14.70 21.77 -15.76
CA ALA B 161 -13.41 21.32 -15.25
C ALA B 161 -12.52 22.44 -14.70
N PRO B 162 -12.41 23.57 -15.42
CA PRO B 162 -11.55 24.65 -14.89
C PRO B 162 -11.95 25.11 -13.51
N ALA B 163 -13.24 25.31 -13.29
CA ALA B 163 -13.72 25.75 -11.99
C ALA B 163 -13.53 24.66 -10.93
N GLU B 164 -13.71 23.41 -11.31
CA GLU B 164 -13.53 22.32 -10.35
C GLU B 164 -12.07 22.20 -9.96
N ILE B 165 -11.17 22.36 -10.93
CA ILE B 165 -9.74 22.28 -10.60
C ILE B 165 -9.39 23.41 -9.64
N ALA B 166 -9.88 24.62 -9.92
CA ALA B 166 -9.58 25.76 -9.04
C ALA B 166 -10.14 25.51 -7.63
N ARG B 167 -11.34 24.96 -7.56
CA ARG B 167 -11.96 24.67 -6.27
C ARG B 167 -11.17 23.65 -5.46
N VAL B 168 -10.83 22.54 -6.10
CA VAL B 168 -10.09 21.47 -5.42
C VAL B 168 -8.68 21.88 -5.04
N LEU B 169 -7.94 22.49 -5.96
CA LEU B 169 -6.58 22.93 -5.61
C LEU B 169 -6.65 24.03 -4.56
N GLY B 170 -7.69 24.86 -4.63
CA GLY B 170 -7.84 25.91 -3.64
C GLY B 170 -8.07 25.33 -2.25
N ALA B 171 -8.79 24.21 -2.18
CA ALA B 171 -9.04 23.56 -0.88
C ALA B 171 -7.73 22.97 -0.34
N ALA B 172 -6.94 22.39 -1.23
CA ALA B 172 -5.65 21.84 -0.81
C ALA B 172 -4.79 22.94 -0.18
N ARG B 173 -4.76 24.11 -0.82
CA ARG B 173 -3.96 25.23 -0.32
C ARG B 173 -4.53 25.84 0.96
N ALA B 174 -5.86 25.97 1.03
CA ALA B 174 -6.50 26.56 2.20
C ALA B 174 -6.46 25.68 3.46
N GLN B 175 -6.52 24.36 3.28
CA GLN B 175 -6.52 23.46 4.43
C GLN B 175 -5.22 22.71 4.62
N SER B 176 -4.31 22.83 3.66
CA SER B 176 -3.03 22.14 3.70
C SER B 176 -3.19 20.63 3.92
N ARG B 177 -4.05 20.02 3.11
CA ARG B 177 -4.28 18.58 3.19
C ARG B 177 -4.48 18.04 1.77
N PRO B 178 -4.33 16.72 1.59
CA PRO B 178 -4.49 16.11 0.26
C PRO B 178 -5.87 16.31 -0.37
N VAL B 179 -5.88 16.27 -1.70
CA VAL B 179 -7.11 16.35 -2.47
C VAL B 179 -7.05 15.28 -3.55
N TYR B 180 -8.22 15.00 -4.14
CA TYR B 180 -8.34 13.93 -5.12
C TYR B 180 -9.00 14.39 -6.42
N LEU B 181 -8.33 14.14 -7.54
CA LEU B 181 -8.85 14.46 -8.87
C LEU B 181 -8.84 13.19 -9.70
N GLU B 182 -10.01 12.83 -10.19
CA GLU B 182 -10.18 11.64 -11.01
C GLU B 182 -10.43 12.10 -12.43
N ILE B 183 -9.61 11.64 -13.37
CA ILE B 183 -9.74 12.06 -14.76
C ILE B 183 -10.04 10.92 -15.73
N PRO B 184 -11.28 10.84 -16.22
CA PRO B 184 -11.64 9.79 -17.17
C PRO B 184 -10.68 9.91 -18.34
N ARG B 185 -10.19 8.77 -18.84
CA ARG B 185 -9.21 8.76 -19.93
C ARG B 185 -9.61 9.54 -21.19
N ASN B 186 -10.91 9.55 -21.50
CA ASN B 186 -11.38 10.25 -22.70
C ASN B 186 -11.50 11.76 -22.51
N MET B 187 -11.20 12.24 -21.30
CA MET B 187 -11.29 13.66 -20.99
C MET B 187 -9.94 14.34 -20.95
N VAL B 188 -8.88 13.53 -20.90
CA VAL B 188 -7.53 14.06 -20.85
C VAL B 188 -7.25 15.09 -21.94
N ASN B 189 -7.73 14.80 -23.16
CA ASN B 189 -7.51 15.71 -24.27
C ASN B 189 -8.69 16.62 -24.60
N ALA B 190 -9.70 16.65 -23.74
CA ALA B 190 -10.85 17.53 -23.97
C ALA B 190 -10.38 18.98 -23.88
N GLU B 191 -10.91 19.84 -24.75
CA GLU B 191 -10.51 21.23 -24.72
C GLU B 191 -11.25 21.97 -23.62
N VAL B 192 -10.51 22.75 -22.84
CA VAL B 192 -11.11 23.51 -21.75
C VAL B 192 -10.45 24.88 -21.67
N GLU B 193 -11.08 25.79 -20.94
CA GLU B 193 -10.51 27.12 -20.76
C GLU B 193 -9.46 27.00 -19.66
N PRO B 194 -8.51 27.94 -19.62
CA PRO B 194 -7.49 27.86 -18.57
C PRO B 194 -8.07 27.99 -17.16
N VAL B 195 -7.39 27.39 -16.19
CA VAL B 195 -7.84 27.44 -14.81
C VAL B 195 -7.53 28.80 -14.19
N GLY B 196 -8.52 29.39 -13.51
CA GLY B 196 -8.33 30.68 -12.89
C GLY B 196 -7.80 30.58 -11.47
N ASP B 197 -7.99 31.62 -10.67
CA ASP B 197 -7.53 31.63 -9.29
C ASP B 197 -8.42 30.83 -8.36
N ASP B 198 -7.90 30.52 -7.18
CA ASP B 198 -8.65 29.79 -6.17
C ASP B 198 -9.88 30.60 -5.82
N PRO B 199 -11.02 29.94 -5.58
CA PRO B 199 -12.19 30.75 -5.20
C PRO B 199 -11.89 31.39 -3.85
N ALA B 200 -12.18 32.67 -3.73
CA ALA B 200 -11.89 33.38 -2.48
C ALA B 200 -13.02 33.33 -1.48
N TRP B 201 -12.67 32.97 -0.24
CA TRP B 201 -13.63 32.90 0.86
C TRP B 201 -13.30 33.99 1.87
N PRO B 202 -13.83 35.20 1.65
CA PRO B 202 -13.62 36.38 2.51
C PRO B 202 -14.03 36.16 3.97
N VAL B 203 -13.14 36.52 4.86
CA VAL B 203 -13.37 36.37 6.30
C VAL B 203 -14.29 37.46 6.84
N ASP B 204 -15.12 37.09 7.81
CA ASP B 204 -16.04 38.04 8.44
C ASP B 204 -15.17 38.93 9.31
N ARG B 205 -15.05 40.20 8.95
CA ARG B 205 -14.21 41.14 9.70
C ARG B 205 -14.59 41.29 11.17
N ASP B 206 -15.89 41.30 11.45
CA ASP B 206 -16.36 41.45 12.83
C ASP B 206 -16.00 40.24 13.69
N ALA B 207 -16.13 39.05 13.11
CA ALA B 207 -15.81 37.82 13.82
C ALA B 207 -14.31 37.75 14.07
N LEU B 208 -13.52 38.12 13.07
CA LEU B 208 -12.06 38.10 13.21
C LEU B 208 -11.62 39.06 14.31
N ALA B 209 -12.22 40.25 14.33
CA ALA B 209 -11.88 41.24 15.35
C ALA B 209 -12.22 40.68 16.73
N ALA B 210 -13.41 40.08 16.85
CA ALA B 210 -13.82 39.51 18.12
C ALA B 210 -12.87 38.40 18.56
N CYS B 211 -12.46 37.58 17.60
CA CYS B 211 -11.54 36.48 17.88
C CYS B 211 -10.20 37.02 18.38
N ALA B 212 -9.61 37.93 17.61
CA ALA B 212 -8.33 38.51 17.99
C ALA B 212 -8.41 39.18 19.35
N ASP B 213 -9.50 39.90 19.61
CA ASP B 213 -9.64 40.56 20.90
C ASP B 213 -9.66 39.54 22.04
N GLU B 214 -10.44 38.47 21.88
CA GLU B 214 -10.53 37.48 22.95
C GLU B 214 -9.19 36.76 23.16
N VAL B 215 -8.53 36.41 22.06
CA VAL B 215 -7.25 35.71 22.17
C VAL B 215 -6.22 36.57 22.90
N LEU B 216 -6.11 37.84 22.51
CA LEU B 216 -5.14 38.73 23.14
C LEU B 216 -5.50 38.93 24.60
N ALA B 217 -6.77 39.10 24.90
CA ALA B 217 -7.17 39.27 26.30
C ALA B 217 -6.81 38.04 27.12
N ALA B 218 -6.97 36.85 26.54
CA ALA B 218 -6.66 35.61 27.23
C ALA B 218 -5.15 35.49 27.49
N MET B 219 -4.33 35.91 26.54
CA MET B 219 -2.89 35.82 26.72
C MET B 219 -2.42 36.82 27.78
N ARG B 220 -3.11 37.95 27.86
CA ARG B 220 -2.74 38.97 28.85
C ARG B 220 -3.23 38.63 30.25
N SER B 221 -4.31 37.87 30.36
CA SER B 221 -4.82 37.51 31.68
C SER B 221 -4.14 36.26 32.26
N ALA B 222 -3.48 35.49 31.39
CA ALA B 222 -2.79 34.27 31.84
C ALA B 222 -1.61 34.57 32.76
N THR B 223 -1.43 33.74 33.78
CA THR B 223 -0.29 33.94 34.67
C THR B 223 0.94 33.34 34.00
N SER B 224 0.72 32.34 33.13
CA SER B 224 1.84 31.72 32.42
C SER B 224 1.48 31.43 30.96
N PRO B 225 1.44 32.48 30.13
CA PRO B 225 1.11 32.30 28.70
C PRO B 225 2.28 31.66 27.96
N VAL B 226 1.98 30.86 26.95
CA VAL B 226 3.02 30.22 26.15
C VAL B 226 2.58 30.22 24.69
N LEU B 227 3.46 30.63 23.79
CA LEU B 227 3.13 30.63 22.38
C LEU B 227 3.82 29.42 21.75
N MET B 228 3.03 28.49 21.24
CA MET B 228 3.59 27.31 20.57
C MET B 228 3.50 27.55 19.07
N VAL B 229 4.63 27.41 18.38
CA VAL B 229 4.67 27.60 16.93
C VAL B 229 4.67 26.19 16.34
N CYS B 230 3.69 25.95 15.47
CA CYS B 230 3.45 24.61 14.97
C CYS B 230 3.40 24.42 13.46
N VAL B 231 2.98 23.23 13.03
CA VAL B 231 3.00 22.90 11.61
C VAL B 231 2.37 23.88 10.64
N GLU B 232 1.18 24.40 10.93
CA GLU B 232 0.59 25.33 9.97
C GLU B 232 1.42 26.60 9.72
N VAL B 233 2.22 27.01 10.70
CA VAL B 233 3.05 28.19 10.53
C VAL B 233 4.03 27.94 9.37
N ARG B 234 4.58 26.73 9.32
CA ARG B 234 5.49 26.38 8.25
C ARG B 234 4.73 26.16 6.93
N ARG B 235 3.64 25.39 6.97
CA ARG B 235 2.88 25.11 5.76
C ARG B 235 2.38 26.36 5.03
N TYR B 236 1.93 27.36 5.78
CA TYR B 236 1.41 28.58 5.16
C TYR B 236 2.45 29.68 4.96
N GLY B 237 3.72 29.34 5.21
CA GLY B 237 4.79 30.31 5.02
C GLY B 237 4.67 31.56 5.88
N LEU B 238 4.24 31.37 7.13
CA LEU B 238 4.06 32.49 8.04
C LEU B 238 5.21 32.69 9.02
N GLU B 239 6.37 32.13 8.74
CA GLU B 239 7.51 32.26 9.65
C GLU B 239 7.87 33.71 9.99
N ALA B 240 8.00 34.57 8.98
CA ALA B 240 8.35 35.96 9.23
C ALA B 240 7.30 36.67 10.08
N LYS B 241 6.03 36.49 9.72
CA LYS B 241 4.93 37.12 10.44
C LYS B 241 4.85 36.65 11.90
N VAL B 242 5.10 35.35 12.10
CA VAL B 242 5.03 34.79 13.44
C VAL B 242 6.25 35.18 14.27
N ALA B 243 7.39 35.44 13.62
CA ALA B 243 8.57 35.89 14.35
C ALA B 243 8.21 37.27 14.91
N GLU B 244 7.53 38.07 14.09
CA GLU B 244 7.13 39.42 14.50
C GLU B 244 6.11 39.32 15.64
N LEU B 245 5.13 38.43 15.49
CA LEU B 245 4.13 38.25 16.52
C LEU B 245 4.76 37.83 17.85
N ALA B 246 5.70 36.89 17.78
CA ALA B 246 6.36 36.40 18.98
C ALA B 246 7.12 37.52 19.68
N GLN B 247 7.78 38.38 18.92
CA GLN B 247 8.51 39.47 19.54
C GLN B 247 7.57 40.44 20.23
N ARG B 248 6.47 40.80 19.56
CA ARG B 248 5.51 41.74 20.13
C ARG B 248 4.66 41.20 21.27
N LEU B 249 4.35 39.91 21.23
CA LEU B 249 3.51 39.29 22.26
C LEU B 249 4.25 39.18 23.59
N GLY B 250 5.57 39.03 23.52
CA GLY B 250 6.39 38.96 24.72
C GLY B 250 6.30 37.74 25.62
N VAL B 251 5.72 36.65 25.13
CA VAL B 251 5.61 35.44 25.95
C VAL B 251 6.58 34.37 25.46
N PRO B 252 6.89 33.36 26.30
CA PRO B 252 7.81 32.29 25.92
C PRO B 252 7.34 31.55 24.68
N VAL B 253 8.28 31.22 23.79
CA VAL B 253 8.01 30.49 22.56
C VAL B 253 8.53 29.06 22.65
N VAL B 254 7.72 28.10 22.23
CA VAL B 254 8.08 26.68 22.22
C VAL B 254 7.58 26.11 20.90
N THR B 255 8.29 25.14 20.32
CA THR B 255 7.79 24.55 19.08
C THR B 255 7.25 23.16 19.35
N THR B 256 6.38 22.69 18.46
CA THR B 256 5.87 21.34 18.55
C THR B 256 6.86 20.54 17.71
N PHE B 257 6.71 19.22 17.70
CA PHE B 257 7.61 18.39 16.92
C PHE B 257 7.63 18.82 15.46
N MET B 258 6.44 19.02 14.87
CA MET B 258 6.39 19.44 13.48
C MET B 258 6.68 20.91 13.25
N GLY B 259 7.01 21.62 14.33
CA GLY B 259 7.36 23.02 14.22
C GLY B 259 8.86 23.18 14.46
N ARG B 260 9.55 22.04 14.60
CA ARG B 260 10.98 22.03 14.86
C ARG B 260 11.73 22.94 13.89
N GLY B 261 12.59 23.80 14.42
CA GLY B 261 13.37 24.71 13.60
C GLY B 261 12.72 26.05 13.31
N LEU B 262 11.41 26.18 13.57
CA LEU B 262 10.75 27.44 13.30
C LEU B 262 11.24 28.54 14.22
N LEU B 263 11.35 29.74 13.66
CA LEU B 263 11.80 30.92 14.41
C LEU B 263 13.22 30.81 14.96
N ALA B 264 14.02 29.92 14.37
CA ALA B 264 15.40 29.77 14.82
C ALA B 264 16.15 31.08 14.64
N ASP B 265 15.81 31.82 13.59
CA ASP B 265 16.48 33.09 13.32
C ASP B 265 15.63 34.28 13.79
N ALA B 266 14.63 34.03 14.62
CA ALA B 266 13.75 35.08 15.11
C ALA B 266 14.34 35.85 16.30
N PRO B 267 13.83 37.08 16.55
CA PRO B 267 14.31 37.89 17.67
C PRO B 267 14.19 37.13 18.99
N THR B 268 13.13 36.33 19.11
CA THR B 268 12.91 35.54 20.31
C THR B 268 12.71 34.08 19.89
N PRO B 269 13.82 33.36 19.64
CA PRO B 269 13.75 31.96 19.23
C PRO B 269 13.16 31.05 20.30
N PRO B 270 12.63 29.89 19.88
CA PRO B 270 12.03 28.97 20.84
C PRO B 270 12.96 28.55 21.98
N LEU B 271 12.37 28.37 23.15
CA LEU B 271 13.13 27.92 24.31
C LEU B 271 13.52 26.47 24.06
N GLY B 272 12.71 25.79 23.25
CA GLY B 272 12.96 24.39 22.94
C GLY B 272 11.77 23.78 22.23
N THR B 273 11.81 22.46 22.03
CA THR B 273 10.75 21.73 21.35
C THR B 273 10.06 20.76 22.28
N TYR B 274 8.74 20.80 22.28
CA TYR B 274 7.95 19.90 23.11
C TYR B 274 7.71 18.61 22.35
N ILE B 275 8.04 17.48 22.97
CA ILE B 275 7.83 16.18 22.32
C ILE B 275 7.26 15.18 23.30
N GLY B 276 6.64 15.68 24.37
CA GLY B 276 6.06 14.79 25.35
C GLY B 276 7.01 14.32 26.43
N VAL B 277 6.72 13.16 27.00
CA VAL B 277 7.52 12.61 28.10
C VAL B 277 9.03 12.50 27.87
N ALA B 278 9.45 12.22 26.64
CA ALA B 278 10.87 12.07 26.36
C ALA B 278 11.65 13.37 26.15
N GLY B 279 10.96 14.51 26.22
CA GLY B 279 11.64 15.77 26.02
C GLY B 279 12.18 16.42 27.28
N ASP B 280 12.67 17.65 27.16
CA ASP B 280 13.21 18.41 28.30
C ASP B 280 12.11 18.61 29.33
N ALA B 281 12.36 18.21 30.57
CA ALA B 281 11.37 18.33 31.64
C ALA B 281 10.82 19.74 31.86
N GLU B 282 11.69 20.73 31.78
CA GLU B 282 11.30 22.12 31.98
C GLU B 282 10.35 22.57 30.87
N ILE B 283 10.64 22.16 29.64
CA ILE B 283 9.78 22.52 28.50
C ILE B 283 8.42 21.83 28.62
N THR B 284 8.45 20.54 28.95
CA THR B 284 7.23 19.77 29.10
C THR B 284 6.31 20.41 30.14
N ARG B 285 6.86 20.79 31.28
CA ARG B 285 6.06 21.41 32.34
C ARG B 285 5.54 22.78 31.93
N LEU B 286 6.38 23.56 31.26
CA LEU B 286 5.99 24.89 30.83
C LEU B 286 4.74 24.81 29.94
N VAL B 287 4.75 23.83 29.04
CA VAL B 287 3.63 23.65 28.13
C VAL B 287 2.40 23.11 28.85
N GLU B 288 2.58 22.02 29.58
CA GLU B 288 1.46 21.38 30.24
C GLU B 288 0.81 22.15 31.39
N GLU B 289 1.57 23.05 32.02
CA GLU B 289 1.05 23.83 33.15
C GLU B 289 0.62 25.25 32.75
N SER B 290 0.71 25.57 31.47
CA SER B 290 0.32 26.91 31.00
C SER B 290 -1.17 27.15 31.13
N ASP B 291 -1.54 28.37 31.53
CA ASP B 291 -2.95 28.74 31.63
C ASP B 291 -3.26 29.72 30.50
N GLY B 292 -2.46 29.66 29.44
CA GLY B 292 -2.64 30.52 28.29
C GLY B 292 -1.81 29.92 27.17
N LEU B 293 -2.10 28.67 26.84
CA LEU B 293 -1.36 27.92 25.83
C LEU B 293 -1.90 28.17 24.43
N PHE B 294 -1.20 29.04 23.70
CA PHE B 294 -1.58 29.43 22.36
C PHE B 294 -0.97 28.46 21.34
N LEU B 295 -1.77 27.50 20.91
CA LEU B 295 -1.34 26.48 19.94
C LEU B 295 -1.55 27.06 18.55
N LEU B 296 -0.53 27.74 18.06
CA LEU B 296 -0.61 28.38 16.76
C LEU B 296 -0.33 27.41 15.61
N GLY B 297 -1.40 26.80 15.10
CA GLY B 297 -1.30 25.88 13.98
C GLY B 297 -0.98 24.44 14.31
N ALA B 298 -1.27 24.01 15.53
CA ALA B 298 -0.94 22.67 15.98
C ALA B 298 -1.87 21.50 15.70
N ILE B 299 -1.27 20.36 15.36
CA ILE B 299 -2.02 19.13 15.17
C ILE B 299 -2.07 18.52 16.57
N LEU B 300 -3.27 18.26 17.08
CA LEU B 300 -3.40 17.66 18.40
C LEU B 300 -3.71 16.18 18.24
N SER B 301 -3.08 15.35 19.06
CA SER B 301 -3.32 13.92 19.02
C SER B 301 -2.64 13.26 20.21
N ASP B 302 -3.01 12.02 20.48
CA ASP B 302 -2.42 11.28 21.60
C ASP B 302 -1.19 10.51 21.15
N THR B 303 -0.72 10.80 19.95
CA THR B 303 0.48 10.13 19.45
C THR B 303 1.66 10.61 20.30
N ASN B 304 2.72 9.80 20.34
CA ASN B 304 3.89 10.10 21.14
C ASN B 304 4.38 11.55 21.21
N PHE B 305 4.91 12.06 20.11
CA PHE B 305 5.47 13.41 20.04
C PHE B 305 4.52 14.60 19.92
N ALA B 306 3.22 14.36 19.85
CA ALA B 306 2.29 15.48 19.70
C ALA B 306 1.76 16.05 20.99
N VAL B 307 1.22 17.26 20.89
CA VAL B 307 0.59 17.91 22.02
C VAL B 307 -0.76 17.18 22.11
N SER B 308 -1.07 16.63 23.27
CA SER B 308 -2.30 15.88 23.49
C SER B 308 -3.30 16.66 24.33
N GLN B 309 -4.58 16.59 23.95
CA GLN B 309 -5.62 17.31 24.69
C GLN B 309 -5.72 16.85 26.15
N ARG B 310 -5.33 15.61 26.42
CA ARG B 310 -5.42 15.10 27.78
C ARG B 310 -4.30 15.56 28.70
N LYS B 311 -3.26 16.17 28.13
CA LYS B 311 -2.13 16.63 28.93
C LYS B 311 -2.10 18.13 29.14
N ILE B 312 -3.04 18.85 28.53
CA ILE B 312 -3.09 20.30 28.66
C ILE B 312 -4.39 20.78 29.28
N ASP B 313 -4.45 22.05 29.66
CA ASP B 313 -5.63 22.62 30.27
C ASP B 313 -6.58 23.14 29.20
N LEU B 314 -7.64 22.38 28.91
CA LEU B 314 -8.59 22.80 27.87
C LEU B 314 -9.40 24.03 28.21
N ARG B 315 -9.39 24.42 29.47
CA ARG B 315 -10.12 25.62 29.88
C ARG B 315 -9.27 26.85 29.57
N LYS B 316 -8.02 26.65 29.17
CA LYS B 316 -7.15 27.79 28.90
C LYS B 316 -6.39 27.73 27.59
N THR B 317 -6.50 26.61 26.87
CA THR B 317 -5.82 26.47 25.59
C THR B 317 -6.50 27.29 24.49
N ILE B 318 -5.70 27.81 23.58
CA ILE B 318 -6.21 28.56 22.44
C ILE B 318 -5.68 27.80 21.23
N HIS B 319 -6.57 27.05 20.58
CA HIS B 319 -6.19 26.23 19.44
C HIS B 319 -6.55 26.86 18.11
N ALA B 320 -5.56 27.38 17.40
CA ALA B 320 -5.78 28.02 16.10
C ALA B 320 -5.30 26.97 15.10
N PHE B 321 -6.24 26.38 14.37
CA PHE B 321 -5.91 25.29 13.46
C PHE B 321 -7.08 25.00 12.52
N ASP B 322 -6.78 24.52 11.32
CA ASP B 322 -7.84 24.17 10.37
C ASP B 322 -8.85 25.29 10.12
N ARG B 323 -8.34 26.51 10.08
CA ARG B 323 -9.14 27.69 9.81
C ARG B 323 -10.19 28.00 10.87
N ALA B 324 -9.88 27.65 12.11
CA ALA B 324 -10.77 27.94 13.22
C ALA B 324 -9.92 28.25 14.44
N VAL B 325 -10.54 28.85 15.46
CA VAL B 325 -9.85 29.16 16.71
C VAL B 325 -10.76 28.76 17.84
N THR B 326 -10.28 27.86 18.69
CA THR B 326 -11.05 27.35 19.81
C THR B 326 -10.43 27.64 21.16
N LEU B 327 -11.21 28.23 22.06
CA LEU B 327 -10.75 28.47 23.43
C LEU B 327 -11.99 28.49 24.32
N GLY B 328 -11.84 28.05 25.57
CA GLY B 328 -12.97 28.02 26.48
C GLY B 328 -14.14 27.20 25.94
N TYR B 329 -13.82 26.15 25.19
CA TYR B 329 -14.77 25.22 24.59
C TYR B 329 -15.64 25.82 23.48
N HIS B 330 -15.32 27.04 23.07
CA HIS B 330 -16.08 27.67 21.99
C HIS B 330 -15.16 27.98 20.82
N THR B 331 -15.74 28.00 19.63
CA THR B 331 -14.97 28.16 18.40
C THR B 331 -15.36 29.30 17.47
N TYR B 332 -14.36 30.01 16.97
CA TYR B 332 -14.56 31.05 15.97
C TYR B 332 -14.28 30.33 14.64
N ALA B 333 -15.28 30.30 13.75
CA ALA B 333 -15.14 29.62 12.48
C ALA B 333 -14.59 30.52 11.38
N ASP B 334 -14.04 29.89 10.35
CA ASP B 334 -13.52 30.60 9.20
C ASP B 334 -12.54 31.72 9.54
N ILE B 335 -11.54 31.37 10.35
CA ILE B 335 -10.49 32.28 10.75
C ILE B 335 -9.17 31.69 10.24
N PRO B 336 -8.70 32.16 9.09
CA PRO B 336 -7.43 31.59 8.60
C PRO B 336 -6.31 32.01 9.54
N LEU B 337 -5.31 31.15 9.69
CA LEU B 337 -4.20 31.45 10.58
C LEU B 337 -3.52 32.76 10.23
N ALA B 338 -3.31 32.98 8.94
CA ALA B 338 -2.66 34.21 8.48
C ALA B 338 -3.47 35.43 8.89
N GLY B 339 -4.78 35.34 8.80
CA GLY B 339 -5.62 36.46 9.18
C GLY B 339 -5.57 36.72 10.68
N LEU B 340 -5.55 35.65 11.47
CA LEU B 340 -5.48 35.79 12.92
C LEU B 340 -4.17 36.49 13.30
N VAL B 341 -3.06 36.03 12.72
CA VAL B 341 -1.76 36.64 13.02
C VAL B 341 -1.73 38.13 12.68
N ASP B 342 -2.23 38.50 11.49
CA ASP B 342 -2.26 39.91 11.13
C ASP B 342 -3.16 40.72 12.07
N ALA B 343 -4.29 40.14 12.47
CA ALA B 343 -5.21 40.83 13.37
C ALA B 343 -4.56 41.06 14.73
N LEU B 344 -3.76 40.11 15.20
CA LEU B 344 -3.08 40.27 16.48
C LEU B 344 -1.97 41.33 16.35
N LEU B 345 -1.27 41.34 15.22
CA LEU B 345 -0.21 42.32 15.02
C LEU B 345 -0.75 43.74 15.02
N GLU B 346 -1.97 43.91 14.50
CA GLU B 346 -2.60 45.22 14.47
C GLU B 346 -2.95 45.72 15.86
N ARG B 347 -3.00 44.80 16.81
CA ARG B 347 -3.36 45.12 18.20
C ARG B 347 -2.18 45.14 19.15
N LEU B 348 -0.99 44.92 18.61
CA LEU B 348 0.21 44.89 19.43
C LEU B 348 1.22 45.95 19.03
N PRO B 349 1.79 46.65 20.03
CA PRO B 349 2.76 47.68 19.70
C PRO B 349 4.09 47.02 19.31
N PRO B 350 4.92 47.72 18.52
CA PRO B 350 6.20 47.17 18.10
C PRO B 350 7.09 46.93 19.32
N SER B 351 8.12 46.12 19.15
CA SER B 351 9.05 45.81 20.23
C SER B 351 10.44 45.58 19.68
N ASP B 352 11.46 45.85 20.49
CA ASP B 352 12.85 45.63 20.10
C ASP B 352 13.43 44.53 20.97
N ARG B 353 12.55 43.85 21.70
CA ARG B 353 12.96 42.78 22.61
C ARG B 353 13.59 41.59 21.89
N THR B 354 14.64 41.04 22.47
CA THR B 354 15.32 39.88 21.90
C THR B 354 15.87 38.99 23.00
N THR B 355 15.97 37.70 22.74
CA THR B 355 16.48 36.74 23.71
C THR B 355 17.67 35.97 23.13
N ARG B 356 18.19 36.46 22.02
CA ARG B 356 19.30 35.79 21.32
C ARG B 356 20.68 35.81 21.97
N GLY B 357 20.78 36.37 23.18
CA GLY B 357 22.06 36.40 23.85
C GLY B 357 22.32 35.10 24.61
N LYS B 358 21.33 34.22 24.59
CA LYS B 358 21.40 32.93 25.28
C LYS B 358 22.36 31.93 24.62
N GLU B 359 22.68 30.87 25.36
CA GLU B 359 23.58 29.84 24.85
C GLU B 359 22.81 28.88 23.95
N PRO B 360 23.39 28.53 22.80
CA PRO B 360 22.77 27.62 21.84
C PRO B 360 22.58 26.21 22.38
N HIS B 361 21.79 25.42 21.67
CA HIS B 361 21.53 24.04 22.08
C HIS B 361 22.80 23.21 22.03
N ALA B 362 22.94 22.28 22.97
CA ALA B 362 24.10 21.41 23.02
C ALA B 362 23.75 20.04 22.41
N TYR B 363 24.36 19.75 21.27
CA TYR B 363 24.12 18.48 20.57
C TYR B 363 25.18 17.45 20.94
N PRO B 364 24.84 16.16 20.84
CA PRO B 364 25.86 15.16 21.17
C PRO B 364 26.98 15.17 20.14
N THR B 365 28.21 15.27 20.61
CA THR B 365 29.37 15.29 19.72
C THR B 365 30.49 14.44 20.33
N GLY B 366 31.60 14.37 19.62
CA GLY B 366 32.74 13.61 20.12
C GLY B 366 32.74 12.11 19.89
N LEU B 367 32.49 11.70 18.65
CA LEU B 367 32.51 10.27 18.35
C LEU B 367 33.88 9.68 18.67
N GLN B 368 33.88 8.54 19.36
CA GLN B 368 35.13 7.85 19.67
C GLN B 368 35.34 6.85 18.53
N ALA B 369 36.08 7.27 17.52
CA ALA B 369 36.33 6.44 16.34
C ALA B 369 37.28 5.29 16.63
N ASP B 370 36.80 4.30 17.38
CA ASP B 370 37.63 3.16 17.74
C ASP B 370 37.05 1.83 17.29
N GLY B 371 37.55 0.74 17.89
CA GLY B 371 37.10 -0.59 17.51
C GLY B 371 35.86 -1.08 18.23
N GLU B 372 35.20 -0.19 18.98
CA GLU B 372 34.00 -0.56 19.72
C GLU B 372 32.78 -0.63 18.80
N PRO B 373 31.74 -1.36 19.22
CA PRO B 373 30.52 -1.48 18.42
C PRO B 373 29.75 -0.17 18.35
N ILE B 374 28.80 -0.12 17.42
CA ILE B 374 28.01 1.08 17.16
C ILE B 374 26.69 1.13 17.94
N ALA B 375 26.38 2.31 18.46
CA ALA B 375 25.14 2.58 19.17
C ALA B 375 24.49 3.73 18.41
N PRO B 376 23.16 3.87 18.49
CA PRO B 376 22.50 4.98 17.77
C PRO B 376 23.13 6.34 18.04
N MET B 377 23.47 6.63 19.29
CA MET B 377 24.06 7.93 19.61
C MET B 377 25.40 8.16 18.90
N ASP B 378 26.09 7.08 18.55
CA ASP B 378 27.36 7.22 17.83
C ASP B 378 27.09 7.74 16.42
N ILE B 379 25.95 7.35 15.86
CA ILE B 379 25.59 7.82 14.54
C ILE B 379 25.29 9.33 14.63
N ALA B 380 24.59 9.74 15.69
CA ALA B 380 24.29 11.15 15.89
C ALA B 380 25.62 11.93 16.03
N ARG B 381 26.54 11.41 16.84
CA ARG B 381 27.83 12.08 17.03
C ARG B 381 28.62 12.18 15.73
N ALA B 382 28.59 11.13 14.92
CA ALA B 382 29.31 11.14 13.66
C ALA B 382 28.81 12.25 12.75
N VAL B 383 27.49 12.37 12.65
CA VAL B 383 26.88 13.40 11.82
C VAL B 383 27.18 14.81 12.36
N ASN B 384 27.02 14.98 13.66
CA ASN B 384 27.24 16.29 14.29
C ASN B 384 28.70 16.72 14.23
N ASP B 385 29.62 15.78 14.37
CA ASP B 385 31.04 16.14 14.30
C ASP B 385 31.38 16.72 12.93
N ARG B 386 30.84 16.14 11.87
CA ARG B 386 31.13 16.66 10.54
C ARG B 386 30.63 18.09 10.42
N VAL B 387 29.47 18.38 11.00
CA VAL B 387 28.91 19.72 10.94
C VAL B 387 29.78 20.70 11.72
N ARG B 388 30.20 20.30 12.91
CA ARG B 388 31.06 21.14 13.75
C ARG B 388 32.40 21.39 13.05
N ALA B 389 32.82 20.45 12.22
CA ALA B 389 34.08 20.56 11.50
C ALA B 389 33.95 21.42 10.24
N GLY B 390 32.76 21.95 9.98
CA GLY B 390 32.59 22.81 8.81
C GLY B 390 31.58 22.41 7.76
N GLN B 391 30.98 21.25 7.88
CA GLN B 391 29.99 20.80 6.90
C GLN B 391 28.64 21.49 7.11
N GLU B 392 28.12 22.10 6.05
CA GLU B 392 26.81 22.73 6.15
C GLU B 392 25.87 21.56 6.35
N PRO B 393 24.97 21.63 7.35
CA PRO B 393 24.04 20.52 7.62
C PRO B 393 23.13 20.20 6.43
N LEU B 394 22.74 18.93 6.33
CA LEU B 394 21.83 18.50 5.28
C LEU B 394 20.45 18.34 5.90
N LEU B 395 19.42 18.46 5.07
CA LEU B 395 18.08 18.22 5.56
C LEU B 395 18.04 16.70 5.76
N ILE B 396 17.34 16.28 6.82
CA ILE B 396 17.24 14.87 7.13
C ILE B 396 15.83 14.34 6.93
N ALA B 397 15.73 13.21 6.23
CA ALA B 397 14.45 12.53 6.03
C ALA B 397 14.57 11.28 6.90
N ALA B 398 13.61 11.07 7.80
CA ALA B 398 13.68 9.92 8.68
C ALA B 398 12.45 9.05 8.58
N ASP B 399 12.65 7.75 8.75
CA ASP B 399 11.52 6.84 8.74
C ASP B 399 11.09 6.73 10.20
N MET B 400 10.11 5.87 10.47
CA MET B 400 9.64 5.65 11.83
C MET B 400 10.48 4.52 12.44
N GLY B 401 10.99 4.73 13.64
CA GLY B 401 11.80 3.73 14.31
C GLY B 401 12.81 4.47 15.18
N ASP B 402 13.79 3.76 15.73
CA ASP B 402 14.77 4.46 16.55
C ASP B 402 15.57 5.45 15.69
N CYS B 403 15.56 5.25 14.37
CA CYS B 403 16.26 6.18 13.50
C CYS B 403 15.73 7.61 13.72
N LEU B 404 14.41 7.74 13.93
CA LEU B 404 13.79 9.03 14.15
C LEU B 404 14.18 9.60 15.51
N PHE B 405 14.14 8.75 16.53
CA PHE B 405 14.52 9.17 17.88
C PHE B 405 15.97 9.64 17.91
N THR B 406 16.81 9.04 17.06
CA THR B 406 18.23 9.41 16.97
C THR B 406 18.39 10.72 16.20
N ALA B 407 17.66 10.84 15.10
CA ALA B 407 17.71 12.03 14.26
C ALA B 407 17.33 13.29 15.03
N MET B 408 16.54 13.11 16.09
CA MET B 408 16.12 14.25 16.90
C MET B 408 17.31 14.91 17.57
N ASP B 409 18.41 14.18 17.71
CA ASP B 409 19.61 14.74 18.32
C ASP B 409 20.68 15.07 17.28
N MET B 410 20.27 15.16 16.01
CA MET B 410 21.21 15.49 14.95
C MET B 410 21.03 16.94 14.51
N ILE B 411 22.13 17.58 14.13
CA ILE B 411 22.08 18.95 13.63
C ILE B 411 21.61 18.81 12.19
N ASP B 412 20.55 19.50 11.83
CA ASP B 412 20.00 19.40 10.49
C ASP B 412 19.64 20.72 9.84
N ALA B 413 19.28 20.65 8.57
CA ALA B 413 18.83 21.80 7.80
C ALA B 413 17.37 21.45 7.53
N GLY B 414 16.71 20.96 8.57
CA GLY B 414 15.33 20.54 8.47
C GLY B 414 15.24 19.05 8.73
N LEU B 415 14.12 18.63 9.31
CA LEU B 415 13.86 17.22 9.59
C LEU B 415 12.48 16.92 9.05
N MET B 416 12.39 15.88 8.23
CA MET B 416 11.14 15.47 7.62
C MET B 416 10.90 14.02 8.05
N ALA B 417 9.84 13.80 8.81
CA ALA B 417 9.55 12.46 9.31
C ALA B 417 8.08 12.32 9.69
N PRO B 418 7.59 11.07 9.80
CA PRO B 418 6.21 10.79 10.16
C PRO B 418 6.10 10.77 11.68
N GLY B 419 6.48 11.88 12.29
CA GLY B 419 6.47 12.01 13.73
C GLY B 419 5.12 11.83 14.42
N TYR B 420 4.03 12.16 13.74
CA TYR B 420 2.72 11.98 14.35
C TYR B 420 1.97 10.77 13.80
N TYR B 421 2.00 10.61 12.48
CA TYR B 421 1.32 9.48 11.82
C TYR B 421 1.98 8.16 12.16
N ALA B 422 3.31 8.20 12.35
CA ALA B 422 4.10 7.03 12.74
C ALA B 422 4.09 5.84 11.80
N GLY B 423 3.81 6.08 10.53
CA GLY B 423 3.80 4.99 9.58
C GLY B 423 5.18 4.76 8.98
N MET B 424 5.55 3.49 8.87
CA MET B 424 6.84 3.10 8.30
C MET B 424 6.86 3.12 6.77
N GLY B 425 8.05 3.37 6.22
CA GLY B 425 8.24 3.37 4.79
C GLY B 425 8.48 4.74 4.18
N PHE B 426 8.20 5.78 4.95
CA PHE B 426 8.33 7.16 4.52
C PHE B 426 9.74 7.60 4.20
N GLY B 427 10.69 7.14 5.02
CA GLY B 427 12.07 7.57 4.93
C GLY B 427 12.84 7.68 3.63
N VAL B 428 13.08 6.54 3.01
CA VAL B 428 13.85 6.54 1.78
C VAL B 428 13.12 7.29 0.66
N PRO B 429 11.82 7.01 0.46
CA PRO B 429 11.11 7.73 -0.60
C PRO B 429 11.04 9.23 -0.36
N ALA B 430 10.93 9.64 0.92
CA ALA B 430 10.88 11.07 1.22
C ALA B 430 12.22 11.72 0.89
N GLY B 431 13.32 11.03 1.21
CA GLY B 431 14.63 11.60 0.90
C GLY B 431 14.78 11.76 -0.60
N ILE B 432 14.28 10.78 -1.35
CA ILE B 432 14.33 10.82 -2.80
C ILE B 432 13.46 11.97 -3.33
N GLY B 433 12.25 12.11 -2.81
CA GLY B 433 11.37 13.19 -3.26
C GLY B 433 11.96 14.55 -2.97
N ALA B 434 12.50 14.71 -1.77
CA ALA B 434 13.10 15.97 -1.36
C ALA B 434 14.30 16.29 -2.25
N GLN B 435 15.18 15.32 -2.50
CA GLN B 435 16.34 15.65 -3.32
C GLN B 435 15.95 15.95 -4.78
N CYS B 436 14.83 15.38 -5.25
CA CYS B 436 14.39 15.69 -6.60
C CYS B 436 14.05 17.18 -6.75
N VAL B 437 13.62 17.82 -5.67
CA VAL B 437 13.24 19.23 -5.76
C VAL B 437 14.15 20.18 -4.98
N SER B 438 15.28 19.67 -4.49
CA SER B 438 16.19 20.48 -3.67
C SER B 438 17.15 21.40 -4.43
N GLY B 439 17.08 21.38 -5.76
CA GLY B 439 17.95 22.25 -6.53
C GLY B 439 19.43 22.02 -6.31
N GLY B 440 19.82 20.77 -6.07
CA GLY B 440 21.22 20.47 -5.89
C GLY B 440 21.67 20.14 -4.48
N LYS B 441 20.83 20.42 -3.48
CA LYS B 441 21.20 20.11 -2.11
C LYS B 441 21.03 18.61 -1.84
N ARG B 442 22.06 18.03 -1.25
CA ARG B 442 22.04 16.61 -0.94
C ARG B 442 21.19 16.34 0.29
N ILE B 443 20.54 15.18 0.33
CA ILE B 443 19.69 14.83 1.46
C ILE B 443 20.25 13.62 2.23
N LEU B 444 20.09 13.68 3.56
CA LEU B 444 20.54 12.59 4.42
C LEU B 444 19.29 11.85 4.90
N THR B 445 19.25 10.54 4.68
CA THR B 445 18.13 9.73 5.10
C THR B 445 18.57 8.76 6.18
N VAL B 446 17.76 8.62 7.24
CA VAL B 446 18.05 7.64 8.29
C VAL B 446 16.85 6.70 8.28
N VAL B 447 17.12 5.40 8.38
CA VAL B 447 16.07 4.39 8.27
C VAL B 447 16.49 3.08 8.92
N GLY B 448 15.53 2.40 9.54
CA GLY B 448 15.81 1.12 10.18
C GLY B 448 15.73 -0.03 9.19
N ASP B 449 16.16 -1.21 9.60
CA ASP B 449 16.13 -2.36 8.72
C ASP B 449 14.73 -2.81 8.35
N GLY B 450 13.81 -2.76 9.31
CA GLY B 450 12.43 -3.14 9.03
C GLY B 450 11.83 -2.21 7.99
N ALA B 451 12.01 -0.91 8.18
CA ALA B 451 11.49 0.05 7.20
C ALA B 451 12.18 -0.06 5.84
N PHE B 452 13.48 -0.31 5.84
CA PHE B 452 14.19 -0.44 4.57
C PHE B 452 13.62 -1.62 3.77
N GLN B 453 13.29 -2.72 4.44
CA GLN B 453 12.72 -3.88 3.74
C GLN B 453 11.43 -3.51 3.02
N MET B 454 10.79 -2.44 3.48
CA MET B 454 9.54 -1.99 2.87
C MET B 454 9.72 -1.13 1.64
N THR B 455 10.49 -0.05 1.79
CA THR B 455 10.66 0.90 0.68
C THR B 455 12.06 1.34 0.35
N GLY B 456 13.06 0.76 1.00
CA GLY B 456 14.44 1.17 0.74
C GLY B 456 14.87 0.93 -0.69
N TRP B 457 14.25 -0.07 -1.33
CA TRP B 457 14.55 -0.47 -2.70
C TRP B 457 14.32 0.63 -3.74
N GLU B 458 13.55 1.65 -3.35
CA GLU B 458 13.30 2.75 -4.26
C GLU B 458 14.59 3.46 -4.66
N LEU B 459 15.65 3.23 -3.89
CA LEU B 459 16.94 3.85 -4.21
C LEU B 459 17.44 3.40 -5.59
N GLY B 460 16.90 2.30 -6.12
CA GLY B 460 17.30 1.86 -7.44
C GLY B 460 16.96 2.88 -8.52
N ASN B 461 16.10 3.82 -8.18
CA ASN B 461 15.67 4.87 -9.11
C ASN B 461 16.55 6.12 -9.09
N CYS B 462 17.50 6.20 -8.17
CA CYS B 462 18.35 7.39 -8.06
C CYS B 462 19.11 7.74 -9.33
N ARG B 463 19.62 6.72 -10.02
CA ARG B 463 20.38 6.97 -11.25
C ARG B 463 19.55 7.74 -12.28
N ARG B 464 18.34 7.27 -12.55
CA ARG B 464 17.49 7.92 -13.53
C ARG B 464 17.07 9.31 -13.05
N LEU B 465 16.81 9.43 -11.75
CA LEU B 465 16.39 10.71 -11.19
C LEU B 465 17.54 11.71 -11.09
N GLY B 466 18.76 11.22 -11.21
CA GLY B 466 19.92 12.10 -11.15
C GLY B 466 20.23 12.60 -9.75
N ILE B 467 19.97 11.77 -8.74
CA ILE B 467 20.25 12.14 -7.37
C ILE B 467 21.15 11.12 -6.67
N ASP B 468 21.69 11.52 -5.52
CA ASP B 468 22.63 10.69 -4.78
C ASP B 468 22.55 10.85 -3.27
N PRO B 469 21.38 10.61 -2.68
CA PRO B 469 21.24 10.76 -1.23
C PRO B 469 22.16 9.85 -0.43
N ILE B 470 22.45 10.29 0.79
CA ILE B 470 23.27 9.50 1.71
C ILE B 470 22.24 8.84 2.61
N VAL B 471 22.32 7.52 2.76
CA VAL B 471 21.36 6.78 3.55
C VAL B 471 22.07 5.99 4.65
N ILE B 472 21.71 6.26 5.90
CA ILE B 472 22.29 5.53 7.01
C ILE B 472 21.21 4.56 7.47
N LEU B 473 21.47 3.28 7.25
CA LEU B 473 20.54 2.22 7.60
C LEU B 473 20.93 1.62 8.95
N PHE B 474 20.03 1.75 9.91
CA PHE B 474 20.23 1.23 11.26
C PHE B 474 19.83 -0.24 11.23
N ASN B 475 20.80 -1.14 11.12
CA ASN B 475 20.48 -2.56 11.05
C ASN B 475 20.68 -3.31 12.36
N ASN B 476 19.59 -3.55 13.10
CA ASN B 476 19.67 -4.31 14.34
C ASN B 476 18.94 -5.65 14.17
N ALA B 477 18.70 -6.04 12.92
CA ALA B 477 18.00 -7.29 12.59
C ALA B 477 16.83 -7.41 13.56
N SER B 478 16.03 -6.34 13.62
CA SER B 478 14.94 -6.31 14.56
C SER B 478 13.96 -5.16 14.36
N TRP B 479 12.72 -5.40 14.80
CA TRP B 479 11.70 -4.37 14.84
C TRP B 479 11.91 -3.95 16.30
N GLU B 480 12.97 -3.19 16.53
CA GLU B 480 13.36 -2.80 17.89
C GLU B 480 12.38 -1.98 18.70
N MET B 481 11.64 -1.07 18.08
CA MET B 481 10.69 -0.29 18.85
C MET B 481 9.64 -1.20 19.46
N LEU B 482 9.33 -2.31 18.78
CA LEU B 482 8.35 -3.24 19.29
C LEU B 482 8.95 -4.13 20.38
N ARG B 483 10.21 -4.54 20.20
CA ARG B 483 10.87 -5.36 21.21
C ARG B 483 10.94 -4.59 22.52
N THR B 484 11.22 -3.30 22.42
CA THR B 484 11.34 -2.46 23.61
C THR B 484 10.09 -2.54 24.49
N PHE B 485 8.92 -2.62 23.88
CA PHE B 485 7.69 -2.67 24.65
C PHE B 485 7.10 -4.06 24.91
N GLN B 486 7.68 -5.07 24.27
CA GLN B 486 7.23 -6.46 24.45
C GLN B 486 8.46 -7.30 24.11
N PRO B 487 9.50 -7.22 24.95
CA PRO B 487 10.77 -7.94 24.78
C PRO B 487 10.72 -9.48 24.79
N GLU B 488 9.65 -10.04 25.33
CA GLU B 488 9.53 -11.49 25.41
C GLU B 488 9.15 -12.16 24.08
N SER B 489 8.66 -11.37 23.13
CA SER B 489 8.26 -11.91 21.84
C SER B 489 9.37 -12.23 20.85
N ALA B 490 9.28 -13.40 20.24
CA ALA B 490 10.27 -13.84 19.27
C ALA B 490 10.08 -13.27 17.87
N PHE B 491 8.84 -12.89 17.53
CA PHE B 491 8.58 -12.38 16.20
C PHE B 491 9.22 -11.05 15.85
N ASN B 492 9.85 -10.39 16.82
CA ASN B 492 10.52 -9.12 16.54
C ASN B 492 11.96 -9.33 16.11
N ASP B 493 12.43 -10.58 16.18
CA ASP B 493 13.79 -10.92 15.75
C ASP B 493 13.76 -11.14 14.25
N LEU B 494 14.46 -10.29 13.50
CA LEU B 494 14.48 -10.43 12.05
C LEU B 494 15.77 -11.09 11.61
N ASP B 495 15.81 -11.52 10.36
CA ASP B 495 17.00 -12.16 9.81
C ASP B 495 18.04 -11.09 9.50
N ASP B 496 19.25 -11.54 9.20
CA ASP B 496 20.30 -10.62 8.85
C ASP B 496 20.29 -10.44 7.33
N TRP B 497 19.75 -9.32 6.87
CA TRP B 497 19.73 -9.04 5.43
C TRP B 497 21.03 -8.29 5.16
N ARG B 498 21.72 -8.63 4.06
CA ARG B 498 22.97 -7.97 3.71
C ARG B 498 22.68 -6.80 2.79
N PHE B 499 22.15 -5.72 3.37
CA PHE B 499 21.75 -4.56 2.58
C PHE B 499 22.89 -3.90 1.81
N ALA B 500 24.04 -3.73 2.45
CA ALA B 500 25.17 -3.10 1.78
C ALA B 500 25.57 -3.93 0.56
N ASP B 501 25.55 -5.25 0.70
CA ASP B 501 25.90 -6.13 -0.42
C ASP B 501 24.91 -6.02 -1.58
N MET B 502 23.68 -5.61 -1.27
CA MET B 502 22.63 -5.48 -2.30
C MET B 502 22.62 -4.12 -2.98
N ALA B 503 23.32 -3.14 -2.41
CA ALA B 503 23.31 -1.80 -2.98
C ALA B 503 23.81 -1.68 -4.41
N ALA B 504 24.90 -2.38 -4.75
CA ALA B 504 25.43 -2.27 -6.10
C ALA B 504 24.42 -2.73 -7.14
N GLY B 505 23.62 -3.73 -6.80
CA GLY B 505 22.64 -4.24 -7.73
C GLY B 505 21.62 -3.19 -8.13
N MET B 506 21.41 -2.22 -7.25
CA MET B 506 20.46 -1.18 -7.59
C MET B 506 21.12 0.19 -7.80
N GLY B 507 22.40 0.15 -8.17
CA GLY B 507 23.12 1.37 -8.52
C GLY B 507 23.75 2.26 -7.48
N GLY B 508 23.98 1.73 -6.29
CA GLY B 508 24.57 2.55 -5.25
C GLY B 508 25.83 1.97 -4.66
N ASP B 509 26.45 2.74 -3.78
CA ASP B 509 27.67 2.30 -3.11
C ASP B 509 27.33 1.97 -1.67
N GLY B 510 27.40 0.69 -1.33
CA GLY B 510 27.08 0.29 0.02
C GLY B 510 28.26 -0.23 0.81
N VAL B 511 28.22 -0.02 2.12
CA VAL B 511 29.27 -0.51 3.00
C VAL B 511 28.65 -0.87 4.34
N ARG B 512 29.00 -2.04 4.84
CA ARG B 512 28.51 -2.49 6.12
C ARG B 512 29.58 -2.12 7.15
N VAL B 513 29.18 -1.45 8.23
CA VAL B 513 30.12 -1.05 9.26
C VAL B 513 29.69 -1.62 10.61
N ARG B 514 30.68 -2.07 11.38
CA ARG B 514 30.42 -2.66 12.68
C ARG B 514 31.08 -1.94 13.84
N THR B 515 32.09 -1.11 13.55
CA THR B 515 32.78 -0.38 14.60
C THR B 515 32.65 1.12 14.43
N ARG B 516 32.88 1.87 15.51
CA ARG B 516 32.79 3.31 15.43
C ARG B 516 33.80 3.90 14.46
N ALA B 517 34.99 3.28 14.38
CA ALA B 517 36.00 3.76 13.46
C ALA B 517 35.52 3.57 12.02
N GLU B 518 34.90 2.43 11.73
CA GLU B 518 34.40 2.18 10.39
C GLU B 518 33.28 3.14 10.04
N LEU B 519 32.44 3.42 11.04
CA LEU B 519 31.32 4.35 10.86
C LEU B 519 31.84 5.73 10.48
N LYS B 520 32.82 6.23 11.24
CA LYS B 520 33.37 7.56 10.97
C LYS B 520 33.92 7.62 9.55
N ALA B 521 34.68 6.60 9.17
CA ALA B 521 35.28 6.55 7.84
C ALA B 521 34.24 6.45 6.72
N ALA B 522 33.20 5.67 6.97
CA ALA B 522 32.16 5.49 5.96
C ALA B 522 31.38 6.77 5.72
N LEU B 523 31.11 7.51 6.79
CA LEU B 523 30.36 8.77 6.62
C LEU B 523 31.20 9.77 5.83
N ASP B 524 32.50 9.85 6.10
CA ASP B 524 33.35 10.78 5.36
C ASP B 524 33.39 10.39 3.89
N LYS B 525 33.51 9.09 3.61
CA LYS B 525 33.57 8.61 2.24
C LYS B 525 32.26 8.89 1.50
N ALA B 526 31.13 8.74 2.20
CA ALA B 526 29.84 8.99 1.57
C ALA B 526 29.74 10.46 1.14
N PHE B 527 30.14 11.37 2.04
CA PHE B 527 30.08 12.79 1.70
C PHE B 527 31.04 13.16 0.57
N ALA B 528 32.14 12.42 0.47
CA ALA B 528 33.16 12.67 -0.55
C ALA B 528 32.83 12.04 -1.90
N THR B 529 31.75 11.27 -1.96
CA THR B 529 31.39 10.58 -3.18
C THR B 529 30.02 10.98 -3.74
N ARG B 530 30.02 11.68 -4.87
CA ARG B 530 28.79 12.11 -5.51
C ARG B 530 28.51 11.27 -6.76
N GLY B 531 27.24 11.22 -7.14
CA GLY B 531 26.87 10.50 -8.36
C GLY B 531 26.04 9.24 -8.19
N ARG B 532 26.21 8.57 -7.05
CA ARG B 532 25.47 7.36 -6.75
C ARG B 532 25.01 7.48 -5.31
N PHE B 533 23.86 6.89 -4.98
CA PHE B 533 23.44 6.96 -3.59
C PHE B 533 24.48 6.22 -2.75
N GLN B 534 24.65 6.69 -1.53
CA GLN B 534 25.63 6.09 -0.62
C GLN B 534 24.88 5.45 0.54
N LEU B 535 25.00 4.12 0.66
CA LEU B 535 24.34 3.39 1.71
C LEU B 535 25.31 2.90 2.78
N ILE B 536 25.14 3.42 3.99
CA ILE B 536 25.97 3.02 5.12
C ILE B 536 25.09 2.13 5.98
N GLU B 537 25.41 0.83 5.99
CA GLU B 537 24.65 -0.13 6.76
C GLU B 537 25.34 -0.29 8.10
N ALA B 538 24.81 0.38 9.10
CA ALA B 538 25.38 0.34 10.45
C ALA B 538 24.80 -0.80 11.27
N MET B 539 25.64 -1.75 11.63
CA MET B 539 25.18 -2.87 12.45
C MET B 539 25.11 -2.41 13.91
N ILE B 540 23.92 -2.55 14.49
CA ILE B 540 23.65 -2.14 15.86
C ILE B 540 23.09 -3.33 16.62
N PRO B 541 23.64 -3.65 17.80
CA PRO B 541 23.11 -4.79 18.54
C PRO B 541 21.68 -4.55 19.03
N ARG B 542 20.91 -5.63 19.15
CA ARG B 542 19.56 -5.53 19.67
C ARG B 542 19.67 -5.04 21.11
N GLY B 543 18.68 -4.28 21.57
CA GLY B 543 18.70 -3.78 22.93
C GLY B 543 19.44 -2.46 23.13
N VAL B 544 20.11 -1.96 22.09
CA VAL B 544 20.83 -0.71 22.19
C VAL B 544 20.01 0.41 21.52
N LEU B 545 19.56 1.36 22.33
CA LEU B 545 18.70 2.45 21.88
C LEU B 545 19.29 3.85 21.97
N SER B 546 18.67 4.78 21.24
CA SER B 546 19.08 6.18 21.28
C SER B 546 18.69 6.72 22.66
N ASP B 547 19.28 7.83 23.07
CA ASP B 547 18.94 8.39 24.38
C ASP B 547 17.47 8.81 24.45
N THR B 548 16.95 9.40 23.37
CA THR B 548 15.56 9.84 23.37
C THR B 548 14.59 8.67 23.49
N LEU B 549 14.85 7.58 22.77
CA LEU B 549 13.95 6.43 22.86
C LEU B 549 14.04 5.86 24.27
N ALA B 550 15.24 5.85 24.83
CA ALA B 550 15.44 5.35 26.19
C ALA B 550 14.55 6.14 27.17
N ARG B 551 14.54 7.45 27.03
CA ARG B 551 13.73 8.30 27.90
C ARG B 551 12.24 8.06 27.68
N PHE B 552 11.86 7.81 26.42
CA PHE B 552 10.47 7.56 26.10
C PHE B 552 10.01 6.28 26.83
N VAL B 553 10.82 5.23 26.73
CA VAL B 553 10.50 3.96 27.38
C VAL B 553 10.42 4.14 28.89
N GLN B 554 11.40 4.83 29.46
CA GLN B 554 11.43 5.06 30.90
C GLN B 554 10.21 5.88 31.31
N GLY B 555 9.75 6.74 30.40
CA GLY B 555 8.58 7.57 30.68
C GLY B 555 7.29 6.80 30.72
N GLN B 556 7.12 5.85 29.80
CA GLN B 556 5.90 5.05 29.75
C GLN B 556 5.78 4.17 31.00
N LYS B 557 6.89 3.57 31.42
CA LYS B 557 6.89 2.71 32.58
C LYS B 557 6.15 3.37 33.74
N ARG B 558 6.28 4.68 33.85
CA ARG B 558 5.61 5.44 34.91
C ARG B 558 4.16 5.72 34.54
MG MG C . 9.12 -5.54 -17.55
CL CL D . -14.86 -16.42 -12.98
N1' TPP E . 0.43 -0.26 -10.38
C2' TPP E . -0.13 -1.38 -9.88
CM2 TPP E . -0.07 -1.64 -8.38
N3' TPP E . -0.73 -2.26 -10.68
C4' TPP E . -0.81 -2.07 -12.04
N4' TPP E . -1.50 -2.98 -12.80
C5' TPP E . -0.18 -0.93 -12.63
C6' TPP E . 0.42 0.00 -11.74
C7' TPP E . -0.19 -0.66 -14.15
N3 TPP E . 0.63 -1.67 -14.97
C2 TPP E . -0.02 -2.65 -15.58
S1 TPP E . 1.25 -3.54 -16.42
C5 TPP E . 2.60 -2.55 -15.91
C4 TPP E . 2.00 -1.56 -15.12
CM4 TPP E . 2.84 -0.44 -14.46
C6 TPP E . 4.01 -2.77 -16.28
C7 TPP E . 4.51 -4.06 -15.63
O7 TPP E . 5.90 -4.07 -15.85
PA TPP E . 6.56 -5.48 -15.53
O1A TPP E . 6.29 -5.97 -14.12
O2A TPP E . 8.05 -5.26 -15.78
O3A TPP E . 6.04 -6.61 -16.55
PB TPP E . 6.03 -6.36 -18.18
O1B TPP E . 7.35 -5.71 -18.62
O2B TPP E . 5.86 -7.78 -18.77
O3B TPP E . 4.84 -5.51 -18.58
C1 GOL F . -15.19 -19.53 0.23
O1 GOL F . -14.02 -19.35 -0.52
C2 GOL F . -14.92 -20.20 1.52
O2 GOL F . -16.15 -20.86 1.73
C3 GOL F . -13.87 -21.26 1.48
O3 GOL F . -13.87 -21.95 2.72
MG MG G . 15.42 -2.40 13.27
CL CL H . 2.12 20.63 15.06
N1' TPP I . 3.57 -1.10 9.60
C2' TPP I . 3.64 0.17 9.20
CM2 TPP I . 3.36 0.51 7.74
N3' TPP I . 3.95 1.14 10.06
C4' TPP I . 4.21 0.88 11.38
N4' TPP I . 4.49 1.91 12.24
C5' TPP I . 4.20 -0.48 11.84
C6' TPP I . 3.84 -1.46 10.90
C7' TPP I . 4.50 -0.89 13.32
N3 TPP I . 5.93 -0.56 13.78
C2 TPP I . 6.14 0.54 14.50
S1 TPP I . 7.84 0.49 14.85
C5 TPP I . 8.21 -1.01 14.02
C4 TPP I . 6.96 -1.40 13.54
CM4 TPP I . 6.81 -2.72 12.76
C6 TPP I . 9.53 -1.65 13.92
C7 TPP I . 10.45 -0.83 13.01
O7 TPP I . 11.60 -1.63 12.83
PA TPP I . 12.80 -0.82 12.19
O1A TPP I . 12.43 -0.15 10.90
O2A TPP I . 13.93 -1.87 11.95
O3A TPP I . 13.38 0.33 13.20
PB TPP I . 13.69 -0.07 14.78
O1B TPP I . 14.53 -1.36 14.81
O2B TPP I . 14.51 1.13 15.33
O3B TPP I . 12.42 -0.24 15.56
C1 GOL J . -0.53 24.44 2.15
O1 GOL J . 0.62 23.77 2.63
C2 GOL J . -0.20 25.44 1.09
O2 GOL J . 0.52 26.39 1.82
C3 GOL J . 0.71 24.92 0.02
O3 GOL J . 1.10 26.01 -0.80
C1 GOL K . 17.49 16.89 -8.92
O1 GOL K . 18.54 17.80 -9.06
C2 GOL K . 17.02 16.42 -10.23
O2 GOL K . 18.05 15.54 -10.59
C3 GOL K . 15.76 15.62 -10.19
O3 GOL K . 15.55 15.05 -11.48
#